data_6O75
#
_entry.id   6O75
#
_cell.length_a   156.445
_cell.length_b   156.445
_cell.length_c   186.415
_cell.angle_alpha   90.00
_cell.angle_beta   90.00
_cell.angle_gamma   120.00
#
_symmetry.space_group_name_H-M   'P 65 2 2'
#
loop_
_entity.id
_entity.type
_entity.pdbx_description
1 polymer 'CRISPR system single-strand-specific deoxyribonuclease Cas10/Csm1 (subtype III-A)'
2 polymer Csm4
3 polymer "RNA (5'-D(*(ATP))-R(P*A)-3')"
4 non-polymer 'MANGANESE (II) ION'
#
loop_
_entity_poly.entity_id
_entity_poly.type
_entity_poly.pdbx_seq_one_letter_code
_entity_poly.pdbx_strand_id
1 'polypeptide(L)'
;MGSSHHHHHHSQDPMEIDELTALGGLLHDIGKPVQRAGLYSGDHSTQGARFLRDLAENTGRAEYELLSLFSEFHHKGHMK
NDELMIRRIKELSPERFGLTMEDVLNALWIVYEADNLASGEREEGQPQASRPLYSVFNPGKAYPWAELDFEKELPVPGDV
FSIRSQDYRELVKRLWEELSKAKLRSDRLLPVLEKYLTFVSSVTSEGNIISLYDHMRMTSAIALAMLRAGCTAEDVRSGR
CRKEKRFLLIEGDFSGIQDFIYRVSGKGTLKYLRARSAYLELIGWDVVLEILSRLGLTRANVVFNAGGHFMIIAQNTPDA
VKELEEIRAKAVEWLYREFESDLYLAIEWEPVSGREFGREGGKNLFAEARKRLKHKLTVRKLKRFGEIKGLFEHGHTERL
AECPVCGRELPEGKLEPSASDPETKVCPTCNRLVSLGGNLPKLLGFGRTAKNDAGVLVEGPFSGFVPYLQGGRPVGEQIL
VKNTLNPGEIPESAQFVPYFVADYFKKDPKGGVATFEELSMASTGTRRLGVMKGDVDRLGEFFSSMDSPSKLATASRFMD
YFFKGYIGAIIEGKFGYIIGDVPSLRDWPEEPDIVVVYAGGDAFFIVGAWDQIFELAFRVRRAFNAYTGGKLTLSVGLGY
FDERTPIYRMADVVSERLDTAKDEGRNRVFVVGRSRPLDGKHKLSYEWNHYEELWRTYAPRIYAGNGRLKGKLESKKGLL
WKLLEIRELYVRDPNDVRWAYLTAYLLGRHGLSDLFPELVGIDTKAVERKEPQPVYWVDGVLKIVLMAVRR
;
A
2 'polypeptide(L)'
;MPKFIAVKLIPKGPFRDIPRADTLFGAIGNAISAIHGQSAVEELVDAFVGGARISSAFPYSGDTYYLPKPLSVEPALEGI
LTGLDEEERYTTAKRLRKAKYLDLKNFELALRLRPFTIPEEIPYARVDVPRVVLDRVTQDSSIYFWEEIRFREKSGVYFL
YSGPREVFDGYIAPAMRFLGDTGIGGKSTWGAGLFEVEFHEMKIDAPGSEYSVTLSNALPTKTPVLWRLLRKGGWSFGRR
KPRMTFIAEGSIVKNDPGGMERLELGLSHEVYVYGLTFPLGVELPEGLE
;
B
3 'polyribonucleotide' (ATP)A C,D
#
loop_
_chem_comp.id
_chem_comp.type
_chem_comp.name
_chem_comp.formula
A RNA linking ADENOSINE-5'-MONOPHOSPHATE 'C10 H14 N5 O7 P'
ATP non-polymer ADENOSINE-5'-TRIPHOSPHATE 'C10 H16 N5 O13 P3'
MN non-polymer 'MANGANESE (II) ION' 'Mn 2'
#
# COMPACT_ATOMS: atom_id res chain seq x y z
N MET A 15 24.54 2.74 32.20
CA MET A 15 24.28 3.67 31.06
C MET A 15 25.53 3.74 30.16
N GLU A 16 25.34 3.84 28.84
CA GLU A 16 26.39 4.25 27.86
C GLU A 16 25.83 5.41 27.03
N ILE A 17 26.68 6.13 26.29
CA ILE A 17 26.33 7.40 25.60
C ILE A 17 25.10 7.20 24.71
N ASP A 18 24.97 6.03 24.07
CA ASP A 18 23.90 5.70 23.10
C ASP A 18 22.54 5.67 23.82
N GLU A 19 22.42 4.93 24.93
CA GLU A 19 21.18 4.87 25.77
C GLU A 19 20.86 6.28 26.30
N LEU A 20 21.87 7.01 26.77
CA LEU A 20 21.73 8.37 27.37
C LEU A 20 21.13 9.33 26.34
N THR A 21 21.74 9.43 25.15
CA THR A 21 21.28 10.34 24.05
C THR A 21 19.87 9.95 23.60
N ALA A 22 19.54 8.66 23.63
CA ALA A 22 18.22 8.11 23.21
C ALA A 22 17.14 8.48 24.23
N LEU A 23 17.41 8.27 25.52
CA LEU A 23 16.46 8.59 26.62
C LEU A 23 16.38 10.10 26.82
N GLY A 24 17.48 10.81 26.57
CA GLY A 24 17.56 12.27 26.68
C GLY A 24 16.70 12.94 25.63
N GLY A 25 16.81 12.49 24.37
CA GLY A 25 15.95 12.97 23.27
C GLY A 25 14.50 12.76 23.61
N LEU A 26 14.20 11.63 24.26
CA LEU A 26 12.83 11.17 24.60
C LEU A 26 12.24 12.07 25.70
N LEU A 27 13.05 12.49 26.68
CA LEU A 27 12.57 13.17 27.91
C LEU A 27 12.88 14.68 27.87
N HIS A 28 13.50 15.19 26.80
CA HIS A 28 13.88 16.62 26.69
C HIS A 28 12.66 17.48 27.07
N ASP A 29 11.50 17.19 26.49
CA ASP A 29 10.30 18.07 26.55
C ASP A 29 9.25 17.49 27.51
N ILE A 30 9.67 16.68 28.50
CA ILE A 30 8.74 16.14 29.55
C ILE A 30 8.34 17.27 30.52
N GLY A 31 9.06 18.39 30.51
CA GLY A 31 8.69 19.61 31.24
C GLY A 31 7.30 20.12 30.86
N LYS A 32 6.93 20.02 29.57
CA LYS A 32 5.69 20.63 29.04
C LYS A 32 4.50 20.14 29.86
N PRO A 33 4.23 18.82 29.97
CA PRO A 33 3.08 18.34 30.74
C PRO A 33 3.06 18.82 32.20
N VAL A 34 4.22 18.97 32.84
CA VAL A 34 4.31 19.31 34.30
C VAL A 34 4.09 20.82 34.50
N GLN A 35 4.62 21.68 33.62
CA GLN A 35 4.30 23.14 33.62
C GLN A 35 2.78 23.31 33.51
N ARG A 36 2.19 22.69 32.49
CA ARG A 36 0.75 22.82 32.17
C ARG A 36 -0.10 22.27 33.31
N ALA A 37 0.45 21.39 34.13
CA ALA A 37 -0.31 20.85 35.28
C ALA A 37 -0.05 21.73 36.52
N GLY A 38 0.80 22.73 36.38
CA GLY A 38 1.10 23.61 37.51
C GLY A 38 1.60 22.84 38.72
N LEU A 39 2.48 21.87 38.52
CA LEU A 39 3.06 21.16 39.68
C LEU A 39 4.10 22.03 40.37
N TYR A 40 4.96 22.67 39.60
CA TYR A 40 6.04 23.49 40.19
C TYR A 40 5.88 24.92 39.71
N SER A 41 6.97 25.66 39.78
CA SER A 41 6.98 27.07 39.32
C SER A 41 8.12 27.22 38.32
N GLY A 42 7.92 27.99 37.26
CA GLY A 42 8.96 28.19 36.24
C GLY A 42 8.53 27.74 34.86
N ASP A 43 9.43 27.92 33.89
CA ASP A 43 9.21 27.55 32.48
C ASP A 43 9.33 26.04 32.34
N HIS A 44 8.77 25.51 31.28
CA HIS A 44 8.74 24.05 31.01
C HIS A 44 10.15 23.47 31.22
N SER A 45 11.18 24.18 30.75
CA SER A 45 12.61 23.81 30.88
C SER A 45 12.95 23.49 32.35
N THR A 46 12.92 24.49 33.23
CA THR A 46 13.28 24.39 34.67
C THR A 46 12.42 23.30 35.34
N GLN A 47 11.13 23.27 34.99
CA GLN A 47 10.09 22.51 35.73
C GLN A 47 10.18 21.02 35.39
N GLY A 48 10.62 20.67 34.18
CA GLY A 48 10.90 19.29 33.74
C GLY A 48 12.11 18.72 34.47
N ALA A 49 13.16 19.53 34.65
CA ALA A 49 14.35 19.18 35.47
C ALA A 49 13.90 18.82 36.89
N ARG A 50 13.06 19.66 37.50
CA ARG A 50 12.52 19.47 38.88
C ARG A 50 11.79 18.12 38.96
N PHE A 51 10.91 17.84 37.99
CA PHE A 51 10.05 16.62 37.95
C PHE A 51 10.91 15.35 37.97
N LEU A 52 11.98 15.30 37.17
CA LEU A 52 12.84 14.10 37.03
C LEU A 52 13.78 13.98 38.24
N ARG A 53 14.38 15.10 38.67
CA ARG A 53 15.19 15.18 39.92
C ARG A 53 14.34 14.62 41.07
N ASP A 54 13.12 15.12 41.21
CA ASP A 54 12.16 14.72 42.28
C ASP A 54 11.85 13.23 42.15
N LEU A 55 11.67 12.75 40.91
CA LEU A 55 11.34 11.34 40.58
C LEU A 55 12.54 10.45 40.90
N ALA A 56 13.76 10.91 40.58
CA ALA A 56 15.03 10.22 40.84
C ALA A 56 15.15 9.89 42.33
N GLU A 57 14.88 10.88 43.20
CA GLU A 57 14.98 10.78 44.68
C GLU A 57 13.92 9.80 45.21
N ASN A 58 12.71 9.85 44.66
CA ASN A 58 11.67 8.81 44.87
C ASN A 58 12.12 7.56 44.10
N THR A 59 11.88 6.37 44.66
CA THR A 59 12.34 5.05 44.11
C THR A 59 13.85 4.91 44.31
N GLY A 60 14.64 5.89 43.88
CA GLY A 60 16.10 6.00 44.15
C GLY A 60 16.96 5.64 42.95
N ARG A 61 16.49 5.99 41.74
CA ARG A 61 17.15 5.67 40.45
C ARG A 61 17.83 6.94 39.93
N ALA A 62 19.16 7.02 40.11
CA ALA A 62 19.97 8.26 39.93
C ALA A 62 20.10 8.60 38.44
N GLU A 63 19.79 7.65 37.56
CA GLU A 63 19.79 7.83 36.08
C GLU A 63 18.84 8.98 35.70
N TYR A 64 17.73 9.15 36.43
CA TYR A 64 16.72 10.21 36.19
C TYR A 64 17.32 11.59 36.50
N GLU A 65 18.17 11.69 37.53
CA GLU A 65 18.85 12.96 37.89
C GLU A 65 19.86 13.33 36.79
N LEU A 66 20.52 12.31 36.22
CA LEU A 66 21.36 12.47 35.01
C LEU A 66 20.49 12.94 33.83
N LEU A 67 19.33 12.29 33.64
CA LEU A 67 18.39 12.57 32.52
C LEU A 67 17.69 13.91 32.71
N SER A 68 17.58 14.44 33.93
CA SER A 68 16.93 15.73 34.25
C SER A 68 17.72 16.90 33.62
N LEU A 69 18.99 16.69 33.25
CA LEU A 69 19.89 17.76 32.72
C LEU A 69 19.42 18.25 31.34
N PHE A 70 18.66 17.43 30.61
CA PHE A 70 18.29 17.69 29.19
C PHE A 70 17.25 18.81 29.09
N SER A 71 16.29 18.90 30.00
CA SER A 71 15.22 19.95 29.98
C SER A 71 15.78 21.33 30.34
N GLU A 72 17.05 21.42 30.80
CA GLU A 72 17.76 22.71 31.05
C GLU A 72 18.71 23.02 29.89
N ASN A 81 26.94 30.53 28.35
CA ASN A 81 28.43 30.59 28.50
C ASN A 81 28.98 29.19 28.77
N ASP A 82 28.19 28.32 29.43
CA ASP A 82 28.47 26.88 29.70
C ASP A 82 29.28 26.75 31.00
N GLU A 83 29.22 27.75 31.87
CA GLU A 83 29.93 27.76 33.17
C GLU A 83 29.15 26.89 34.18
N LEU A 84 27.95 27.34 34.56
CA LEU A 84 27.06 26.65 35.56
C LEU A 84 26.86 25.20 35.14
N MET A 85 26.65 24.96 33.84
CA MET A 85 26.34 23.63 33.26
C MET A 85 27.46 22.62 33.57
N ILE A 86 28.71 22.95 33.21
CA ILE A 86 29.89 22.04 33.40
C ILE A 86 29.97 21.62 34.87
N ARG A 87 29.74 22.54 35.81
CA ARG A 87 29.83 22.32 37.27
C ARG A 87 28.68 21.40 37.72
N ARG A 88 27.43 21.68 37.33
CA ARG A 88 26.22 20.90 37.71
C ARG A 88 26.39 19.44 37.26
N ILE A 89 27.00 19.22 36.08
CA ILE A 89 27.30 17.87 35.51
C ILE A 89 28.37 17.20 36.39
N LYS A 90 29.38 17.96 36.82
CA LYS A 90 30.53 17.48 37.65
C LYS A 90 30.02 16.94 38.99
N GLU A 91 29.05 17.62 39.60
CA GLU A 91 28.42 17.24 40.91
C GLU A 91 27.77 15.86 40.80
N LEU A 92 26.99 15.64 39.74
CA LEU A 92 26.51 14.30 39.33
C LEU A 92 27.70 13.52 38.76
N SER A 93 28.37 12.73 39.59
CA SER A 93 29.63 12.02 39.24
C SER A 93 29.40 11.18 37.98
N PRO A 94 29.97 11.57 36.81
CA PRO A 94 29.73 10.84 35.56
C PRO A 94 30.30 9.41 35.58
N GLU A 95 31.48 9.23 36.19
CA GLU A 95 32.18 7.93 36.37
C GLU A 95 31.21 6.87 36.91
N ARG A 96 30.33 7.26 37.83
CA ARG A 96 29.30 6.40 38.47
C ARG A 96 28.55 5.56 37.41
N PHE A 97 28.16 6.19 36.29
CA PHE A 97 27.29 5.58 35.24
C PHE A 97 28.13 4.98 34.11
N GLY A 98 29.47 5.06 34.21
CA GLY A 98 30.40 4.58 33.19
C GLY A 98 30.52 5.56 32.03
N LEU A 99 30.25 6.84 32.30
CA LEU A 99 30.31 7.94 31.30
C LEU A 99 31.46 8.89 31.63
N THR A 100 31.87 9.69 30.65
CA THR A 100 32.82 10.83 30.78
C THR A 100 32.01 12.11 30.93
N MET A 101 32.63 13.18 31.45
CA MET A 101 32.03 14.53 31.51
C MET A 101 31.82 15.04 30.07
N GLU A 102 32.85 14.91 29.22
CA GLU A 102 32.86 15.33 27.79
C GLU A 102 31.86 14.51 26.97
N ASP A 103 31.51 13.30 27.42
CA ASP A 103 30.44 12.44 26.81
C ASP A 103 29.07 13.12 26.98
N VAL A 104 28.76 13.56 28.19
CA VAL A 104 27.43 14.12 28.61
C VAL A 104 27.22 15.48 27.94
N LEU A 105 28.26 16.30 27.80
CA LEU A 105 28.17 17.64 27.14
C LEU A 105 27.71 17.44 25.69
N ASN A 106 28.28 16.46 24.98
CA ASN A 106 27.90 16.09 23.59
C ASN A 106 26.42 15.67 23.59
N ALA A 107 26.04 14.72 24.44
CA ALA A 107 24.67 14.20 24.58
C ALA A 107 23.67 15.36 24.69
N LEU A 108 23.97 16.38 25.51
CA LEU A 108 23.10 17.57 25.74
C LEU A 108 23.06 18.45 24.49
N TRP A 109 24.22 18.85 23.98
CA TRP A 109 24.32 19.67 22.75
C TRP A 109 23.63 18.94 21.59
N ILE A 110 23.88 17.63 21.45
CA ILE A 110 23.29 16.78 20.37
C ILE A 110 21.77 16.86 20.48
N VAL A 111 21.22 16.59 21.67
CA VAL A 111 19.74 16.58 21.95
C VAL A 111 19.17 18.00 21.79
N TYR A 112 19.98 19.05 22.00
CA TYR A 112 19.54 20.47 21.87
C TYR A 112 19.21 20.79 20.41
N GLU A 113 20.09 20.39 19.48
CA GLU A 113 19.90 20.57 18.01
C GLU A 113 18.78 19.63 17.55
N ALA A 114 18.80 18.38 18.04
CA ALA A 114 17.82 17.31 17.75
C ALA A 114 16.39 17.80 18.02
N ASP A 115 16.20 18.58 19.09
CA ASP A 115 14.90 19.22 19.42
C ASP A 115 14.50 20.20 18.31
N ASN A 116 15.45 21.00 17.83
CA ASN A 116 15.19 22.05 16.81
C ASN A 116 14.84 21.40 15.47
N LEU A 117 15.50 20.28 15.13
CA LEU A 117 15.39 19.61 13.80
C LEU A 117 14.06 18.85 13.71
N ALA A 118 13.65 18.18 14.79
CA ALA A 118 12.41 17.38 14.89
C ALA A 118 11.21 18.20 14.42
N SER A 119 11.18 19.51 14.71
CA SER A 119 10.10 20.48 14.34
C SER A 119 10.68 21.57 13.44
N PRO A 127 0.69 31.48 22.78
CA PRO A 127 1.09 30.29 23.55
C PRO A 127 0.50 30.26 24.97
N GLN A 128 -0.81 29.98 25.09
CA GLN A 128 -1.54 29.71 26.36
C GLN A 128 -1.34 28.23 26.74
N ALA A 129 -1.35 27.92 28.04
CA ALA A 129 -1.02 26.58 28.59
C ALA A 129 -2.25 25.67 28.66
N SER A 130 -3.38 26.11 28.06
CA SER A 130 -4.67 25.37 28.04
C SER A 130 -5.00 24.84 26.64
N ARG A 131 -4.25 25.26 25.62
CA ARG A 131 -4.51 24.95 24.18
C ARG A 131 -4.35 23.46 23.95
N PRO A 132 -5.33 22.79 23.31
CA PRO A 132 -5.24 21.35 23.04
C PRO A 132 -4.45 21.04 21.76
N LEU A 133 -4.32 19.75 21.45
CA LEU A 133 -3.76 19.27 20.15
C LEU A 133 -4.79 19.53 19.06
N TYR A 134 -4.42 20.29 18.03
CA TYR A 134 -5.22 20.51 16.79
C TYR A 134 -4.91 19.37 15.81
N SER A 135 -5.92 18.92 15.05
CA SER A 135 -5.84 17.69 14.21
C SER A 135 -5.00 17.95 12.96
N VAL A 136 -4.01 17.10 12.73
CA VAL A 136 -3.18 17.04 11.49
C VAL A 136 -4.08 16.92 10.25
N PHE A 137 -5.27 16.34 10.40
CA PHE A 137 -6.24 16.13 9.29
C PHE A 137 -6.97 17.44 9.00
N ASN A 138 -7.31 18.19 10.05
CA ASN A 138 -8.05 19.48 9.94
C ASN A 138 -7.59 20.42 11.05
N PRO A 139 -6.61 21.32 10.78
CA PRO A 139 -6.00 22.14 11.85
C PRO A 139 -6.98 23.11 12.54
N GLY A 140 -8.15 23.36 11.92
CA GLY A 140 -9.22 24.20 12.48
C GLY A 140 -9.96 23.52 13.64
N LYS A 141 -9.91 22.19 13.70
CA LYS A 141 -10.58 21.37 14.76
C LYS A 141 -9.50 20.79 15.69
N ALA A 142 -9.92 20.23 16.82
CA ALA A 142 -9.03 19.89 17.95
C ALA A 142 -9.55 18.66 18.70
N TYR A 143 -8.66 17.96 19.39
CA TYR A 143 -8.94 16.67 20.07
C TYR A 143 -9.28 16.93 21.53
N PRO A 144 -10.33 16.28 22.08
CA PRO A 144 -10.53 16.32 23.52
C PRO A 144 -9.32 15.61 24.13
N TRP A 145 -8.93 15.97 25.36
CA TRP A 145 -7.86 15.23 26.08
C TRP A 145 -8.38 13.83 26.45
N ALA A 146 -7.67 12.79 25.99
CA ALA A 146 -7.89 11.38 26.36
C ALA A 146 -6.56 10.63 26.19
N GLU A 147 -6.40 9.48 26.85
CA GLU A 147 -5.22 8.61 26.64
C GLU A 147 -5.52 7.71 25.42
N LEU A 148 -4.48 7.32 24.69
CA LEU A 148 -4.62 6.44 23.50
C LEU A 148 -5.13 5.08 23.98
N ASP A 149 -6.39 4.78 23.66
CA ASP A 149 -7.09 3.51 24.03
C ASP A 149 -8.04 3.14 22.89
N PHE A 150 -7.77 2.04 22.19
CA PHE A 150 -8.55 1.59 21.00
C PHE A 150 -9.90 1.01 21.43
N GLU A 151 -10.05 0.78 22.72
CA GLU A 151 -11.28 0.18 23.29
C GLU A 151 -12.17 1.26 23.91
N LYS A 152 -11.76 2.53 23.86
CA LYS A 152 -12.59 3.53 24.58
C LYS A 152 -13.47 4.31 23.61
N GLU A 153 -12.94 5.37 23.01
CA GLU A 153 -13.82 6.16 22.12
C GLU A 153 -13.02 6.61 20.90
N LEU A 154 -13.71 6.78 19.78
CA LEU A 154 -13.08 7.20 18.50
C LEU A 154 -12.58 8.63 18.67
N PRO A 155 -11.28 8.91 18.48
CA PRO A 155 -10.79 10.29 18.36
C PRO A 155 -11.54 11.04 17.25
N VAL A 156 -12.21 12.14 17.59
CA VAL A 156 -12.96 12.98 16.61
C VAL A 156 -12.51 14.43 16.79
N PRO A 157 -11.76 15.00 15.83
CA PRO A 157 -11.47 16.44 15.83
C PRO A 157 -12.80 17.22 15.92
N GLY A 158 -13.00 17.96 17.01
CA GLY A 158 -14.24 18.69 17.31
C GLY A 158 -13.99 20.17 17.53
N ASP A 159 -14.88 20.82 18.26
CA ASP A 159 -14.77 22.26 18.65
C ASP A 159 -13.54 22.45 19.55
N VAL A 160 -12.80 23.54 19.34
CA VAL A 160 -11.61 23.93 20.16
C VAL A 160 -12.08 24.16 21.60
N PHE A 161 -11.61 23.34 22.55
CA PHE A 161 -11.83 23.52 24.01
C PHE A 161 -10.48 23.58 24.72
N SER A 162 -10.33 24.53 25.63
CA SER A 162 -9.20 24.57 26.61
C SER A 162 -9.20 23.25 27.38
N ILE A 163 -8.01 22.72 27.69
CA ILE A 163 -7.82 21.55 28.60
C ILE A 163 -7.58 22.10 30.01
N ARG A 164 -8.31 21.59 31.00
CA ARG A 164 -8.25 22.07 32.41
C ARG A 164 -6.88 21.72 33.00
N SER A 165 -6.37 22.58 33.88
CA SER A 165 -5.10 22.37 34.64
C SER A 165 -5.27 21.22 35.63
N GLN A 166 -6.47 20.61 35.70
CA GLN A 166 -6.79 19.41 36.51
C GLN A 166 -6.51 18.14 35.71
N ASP A 167 -6.77 18.18 34.40
CA ASP A 167 -6.62 17.02 33.48
C ASP A 167 -5.12 16.69 33.30
N TYR A 168 -4.29 17.72 33.08
CA TYR A 168 -2.81 17.62 32.99
C TYR A 168 -2.24 17.04 34.28
N ARG A 169 -2.75 17.45 35.44
CA ARG A 169 -2.29 16.98 36.77
C ARG A 169 -2.55 15.47 36.93
N GLU A 170 -3.69 15.00 36.43
CA GLU A 170 -4.09 13.56 36.49
C GLU A 170 -3.20 12.76 35.53
N LEU A 171 -2.93 13.33 34.36
CA LEU A 171 -1.98 12.81 33.34
C LEU A 171 -0.60 12.62 33.99
N VAL A 172 -0.07 13.69 34.59
CA VAL A 172 1.32 13.77 35.16
C VAL A 172 1.48 12.76 36.31
N LYS A 173 0.41 12.42 37.02
CA LYS A 173 0.48 11.52 38.22
C LYS A 173 0.48 10.06 37.76
N ARG A 174 -0.34 9.71 36.77
CA ARG A 174 -0.31 8.37 36.10
C ARG A 174 1.06 8.21 35.42
N LEU A 175 1.58 9.28 34.83
CA LEU A 175 2.88 9.34 34.13
C LEU A 175 4.02 9.03 35.12
N TRP A 176 4.06 9.74 36.24
CA TRP A 176 5.02 9.57 37.37
C TRP A 176 4.96 8.13 37.91
N GLU A 177 3.76 7.56 38.03
CA GLU A 177 3.52 6.19 38.58
C GLU A 177 4.09 5.12 37.64
N GLU A 178 4.18 5.40 36.33
CA GLU A 178 4.56 4.43 35.27
C GLU A 178 6.08 4.49 35.04
N LEU A 179 6.65 5.70 35.00
CA LEU A 179 8.11 5.94 34.91
C LEU A 179 8.80 5.31 36.13
N SER A 180 8.12 5.32 37.29
CA SER A 180 8.61 4.73 38.56
C SER A 180 8.92 3.24 38.40
N LYS A 181 8.11 2.54 37.59
CA LYS A 181 8.14 1.05 37.47
C LYS A 181 8.85 0.61 36.17
N ALA A 182 8.99 1.50 35.18
CA ALA A 182 9.58 1.21 33.85
C ALA A 182 11.10 1.07 33.96
N LYS A 183 11.70 0.27 33.07
CA LYS A 183 13.09 -0.26 33.23
C LYS A 183 14.14 0.79 32.84
N LEU A 184 13.74 1.93 32.28
CA LEU A 184 14.66 3.02 31.85
C LEU A 184 15.38 2.66 30.55
N ARG A 185 14.66 1.94 29.67
CA ARG A 185 15.09 1.53 28.31
C ARG A 185 14.02 2.09 27.35
N SER A 186 14.43 2.68 26.22
CA SER A 186 13.49 3.39 25.30
C SER A 186 12.28 2.50 24.98
N ASP A 187 12.47 1.19 24.87
CA ASP A 187 11.38 0.24 24.55
C ASP A 187 10.38 0.14 25.72
N ARG A 188 10.75 0.62 26.92
CA ARG A 188 9.85 0.63 28.11
C ARG A 188 9.34 2.06 28.35
N LEU A 189 10.09 3.07 27.90
CA LEU A 189 9.72 4.50 28.02
C LEU A 189 8.74 4.89 26.91
N LEU A 190 9.06 4.58 25.63
CA LEU A 190 8.24 4.92 24.44
C LEU A 190 6.77 4.58 24.70
N PRO A 191 6.43 3.32 25.06
CA PRO A 191 5.05 2.95 25.31
C PRO A 191 4.30 3.86 26.30
N VAL A 192 4.89 4.20 27.44
CA VAL A 192 4.18 4.98 28.51
C VAL A 192 4.02 6.42 28.01
N LEU A 193 5.00 6.94 27.28
CA LEU A 193 4.93 8.29 26.65
C LEU A 193 3.82 8.30 25.59
N GLU A 194 3.56 7.16 24.93
CA GLU A 194 2.56 7.06 23.84
C GLU A 194 1.14 7.00 24.43
N LYS A 195 0.90 6.18 25.45
CA LYS A 195 -0.38 6.10 26.19
C LYS A 195 -0.89 7.52 26.51
N TYR A 196 -0.04 8.33 27.14
CA TYR A 196 -0.42 9.53 27.91
C TYR A 196 -0.15 10.82 27.12
N LEU A 197 0.85 10.86 26.23
CA LEU A 197 1.24 12.14 25.56
C LEU A 197 0.86 12.15 24.08
N THR A 198 0.02 11.21 23.63
CA THR A 198 -0.44 11.14 22.22
C THR A 198 -1.35 12.34 21.92
N PHE A 199 -2.34 12.61 22.79
CA PHE A 199 -3.36 13.66 22.57
C PHE A 199 -2.99 14.94 23.33
N VAL A 200 -1.70 15.30 23.30
CA VAL A 200 -1.14 16.52 23.95
C VAL A 200 -0.42 17.32 22.86
N SER A 201 -0.74 18.61 22.72
CA SER A 201 -0.04 19.55 21.81
C SER A 201 1.45 19.58 22.21
N SER A 202 2.37 19.46 21.25
CA SER A 202 3.84 19.55 21.49
C SER A 202 4.21 20.98 21.87
N VAL A 203 3.62 21.96 21.16
CA VAL A 203 3.69 23.42 21.46
C VAL A 203 2.26 23.97 21.45
N THR A 204 1.92 24.85 22.40
CA THR A 204 0.52 25.26 22.70
C THR A 204 0.09 26.46 21.84
N SER A 205 0.59 26.57 20.60
CA SER A 205 0.16 27.59 19.62
C SER A 205 -1.19 27.19 19.02
N GLU A 206 -1.85 28.12 18.32
CA GLU A 206 -3.10 27.86 17.54
C GLU A 206 -2.72 27.08 16.28
N GLY A 207 -3.45 25.99 16.01
CA GLY A 207 -3.26 25.15 14.82
C GLY A 207 -2.00 24.30 14.88
N ASN A 208 -1.50 24.01 16.09
CA ASN A 208 -0.37 23.07 16.29
C ASN A 208 -0.87 21.64 16.12
N ILE A 209 -0.23 20.93 15.18
CA ILE A 209 -0.67 19.66 14.54
C ILE A 209 0.09 18.49 15.17
N ILE A 210 1.19 18.79 15.86
CA ILE A 210 2.25 17.82 16.28
C ILE A 210 1.90 17.26 17.66
N SER A 211 1.74 15.94 17.76
CA SER A 211 1.59 15.20 19.03
C SER A 211 2.92 15.27 19.78
N LEU A 212 2.89 15.50 21.10
CA LEU A 212 4.11 15.58 21.94
C LEU A 212 4.90 14.26 21.79
N TYR A 213 4.24 13.11 21.92
CA TYR A 213 4.87 11.78 21.75
C TYR A 213 5.71 11.75 20.47
N ASP A 214 5.14 12.23 19.36
CA ASP A 214 5.79 12.16 18.03
C ASP A 214 7.02 13.07 18.01
N HIS A 215 6.92 14.26 18.59
CA HIS A 215 8.07 15.20 18.68
C HIS A 215 9.15 14.59 19.57
N MET A 216 8.77 13.90 20.64
CA MET A 216 9.72 13.25 21.59
C MET A 216 10.46 12.12 20.88
N ARG A 217 9.75 11.24 20.17
CA ARG A 217 10.36 10.02 19.54
C ARG A 217 11.27 10.46 18.37
N MET A 218 10.92 11.53 17.66
CA MET A 218 11.72 12.01 16.50
C MET A 218 12.98 12.72 16.99
N THR A 219 12.91 13.48 18.08
CA THR A 219 14.12 14.11 18.71
C THR A 219 15.09 13.01 19.10
N SER A 220 14.64 12.00 19.84
CA SER A 220 15.41 10.78 20.22
C SER A 220 15.99 10.10 18.98
N ALA A 221 15.18 9.99 17.92
CA ALA A 221 15.56 9.36 16.64
C ALA A 221 16.72 10.15 16.03
N ILE A 222 16.51 11.46 15.82
CA ILE A 222 17.51 12.39 15.20
C ILE A 222 18.75 12.46 16.10
N ALA A 223 18.57 12.52 17.42
CA ALA A 223 19.67 12.66 18.41
C ALA A 223 20.60 11.45 18.30
N LEU A 224 20.06 10.25 18.51
CA LEU A 224 20.83 8.97 18.41
C LEU A 224 21.51 8.87 17.03
N ALA A 225 20.87 9.35 15.97
CA ALA A 225 21.42 9.35 14.59
C ALA A 225 22.67 10.22 14.58
N MET A 226 22.53 11.47 15.04
CA MET A 226 23.63 12.47 15.12
C MET A 226 24.81 11.86 15.89
N LEU A 227 24.55 11.18 17.00
CA LEU A 227 25.61 10.51 17.80
C LEU A 227 26.37 9.53 16.90
N ARG A 228 25.64 8.61 16.25
CA ARG A 228 26.21 7.52 15.40
C ARG A 228 26.92 8.11 14.19
N ALA A 229 26.54 9.32 13.74
CA ALA A 229 27.18 10.05 12.63
C ALA A 229 28.55 10.61 13.08
N GLY A 230 28.94 10.38 14.35
CA GLY A 230 30.22 10.81 14.94
C GLY A 230 30.23 12.30 15.24
N CYS A 231 29.06 12.94 15.15
CA CYS A 231 28.86 14.38 15.42
C CYS A 231 29.10 14.65 16.92
N THR A 232 29.69 15.80 17.22
CA THR A 232 30.09 16.09 18.62
C THR A 232 29.70 17.51 18.99
N ALA A 233 29.91 17.91 20.23
CA ALA A 233 29.42 19.22 20.67
C ALA A 233 30.01 20.32 19.80
N GLU A 234 31.32 20.27 19.52
CA GLU A 234 31.86 21.35 18.66
C GLU A 234 31.11 21.37 17.32
N ASP A 235 30.84 20.18 16.75
CA ASP A 235 30.15 20.12 15.44
C ASP A 235 28.77 20.76 15.57
N VAL A 236 28.03 20.44 16.64
CA VAL A 236 26.67 21.02 16.82
C VAL A 236 26.79 22.53 16.98
N ARG A 237 27.78 22.98 17.74
CA ARG A 237 27.97 24.42 17.98
C ARG A 237 28.25 25.14 16.66
N SER A 238 29.03 24.54 15.76
CA SER A 238 29.36 25.22 14.48
C SER A 238 28.33 24.95 13.38
N GLY A 239 27.44 23.98 13.59
CA GLY A 239 26.45 23.61 12.55
C GLY A 239 26.98 22.58 11.56
N ARG A 240 28.17 22.01 11.81
CA ARG A 240 28.80 21.02 10.88
C ARG A 240 28.12 19.65 11.13
N CYS A 241 26.79 19.68 11.25
CA CYS A 241 25.87 18.57 11.59
C CYS A 241 24.50 18.91 11.01
N ARG A 242 24.08 20.14 11.30
CA ARG A 242 22.94 20.85 10.67
C ARG A 242 23.18 21.01 9.17
N LYS A 243 24.31 21.62 8.77
CA LYS A 243 24.57 22.07 7.37
C LYS A 243 25.42 21.04 6.62
N GLU A 244 25.20 19.74 6.87
CA GLU A 244 25.98 18.64 6.25
C GLU A 244 25.17 17.33 6.31
N LYS A 245 25.36 16.47 5.31
CA LYS A 245 24.54 15.24 5.07
C LYS A 245 25.03 14.13 6.00
N ARG A 246 24.68 14.20 7.28
CA ARG A 246 25.10 13.25 8.35
C ARG A 246 23.97 12.28 8.69
N PHE A 247 22.80 12.41 8.06
CA PHE A 247 21.61 11.53 8.25
C PHE A 247 21.34 10.71 6.98
N LEU A 248 20.62 9.59 7.15
CA LEU A 248 20.04 8.78 6.05
C LEU A 248 18.53 8.64 6.28
N LEU A 249 17.71 8.96 5.26
CA LEU A 249 16.30 8.50 5.17
C LEU A 249 16.33 7.13 4.50
N ILE A 250 15.88 6.10 5.21
CA ILE A 250 15.79 4.68 4.74
C ILE A 250 14.32 4.34 4.52
N GLU A 251 13.89 4.16 3.26
CA GLU A 251 12.50 3.74 2.93
C GLU A 251 12.53 2.30 2.42
N GLY A 252 11.56 1.50 2.86
CA GLY A 252 11.38 0.10 2.44
C GLY A 252 9.94 -0.17 2.04
N ASP A 253 9.70 -0.43 0.75
CA ASP A 253 8.36 -0.79 0.22
C ASP A 253 8.41 -2.21 -0.33
N PHE A 254 7.46 -3.06 0.09
CA PHE A 254 7.22 -4.41 -0.48
C PHE A 254 6.52 -4.27 -1.83
N SER A 255 6.66 -5.30 -2.67
CA SER A 255 6.24 -5.34 -4.08
C SER A 255 5.88 -6.79 -4.46
N GLY A 256 4.64 -7.03 -4.91
CA GLY A 256 4.07 -8.36 -5.17
C GLY A 256 3.14 -8.82 -4.04
N ILE A 257 2.65 -7.89 -3.23
CA ILE A 257 1.84 -8.18 -1.99
C ILE A 257 0.56 -8.93 -2.37
N GLN A 258 -0.31 -8.35 -3.20
CA GLN A 258 -1.66 -8.93 -3.46
C GLN A 258 -1.49 -10.18 -4.35
N ASP A 259 -0.34 -10.31 -5.02
CA ASP A 259 0.11 -11.57 -5.66
C ASP A 259 0.51 -12.57 -4.56
N PHE A 260 1.23 -12.12 -3.54
CA PHE A 260 1.77 -12.97 -2.44
C PHE A 260 0.63 -13.42 -1.50
N ILE A 261 -0.46 -12.64 -1.38
CA ILE A 261 -1.53 -12.89 -0.37
C ILE A 261 -2.73 -13.57 -1.05
N TYR A 262 -3.33 -12.89 -2.03
CA TYR A 262 -4.41 -13.44 -2.91
C TYR A 262 -3.69 -14.14 -4.06
N ARG A 263 -4.36 -15.00 -4.82
CA ARG A 263 -3.69 -15.86 -5.83
C ARG A 263 -2.93 -16.98 -5.11
N VAL A 264 -3.67 -17.75 -4.30
CA VAL A 264 -3.21 -18.99 -3.61
C VAL A 264 -3.73 -20.19 -4.41
N SER A 265 -3.14 -21.38 -4.22
CA SER A 265 -3.63 -22.71 -4.68
C SER A 265 -4.45 -22.57 -5.98
N THR A 269 -8.41 -20.81 1.12
CA THR A 269 -9.29 -20.69 2.32
C THR A 269 -8.99 -19.41 3.10
N LEU A 270 -9.98 -18.90 3.83
CA LEU A 270 -9.90 -17.63 4.58
C LEU A 270 -8.86 -17.74 5.69
N LYS A 271 -8.75 -18.90 6.35
CA LYS A 271 -7.72 -19.17 7.40
C LYS A 271 -6.32 -18.90 6.85
N TYR A 272 -5.98 -19.51 5.71
CA TYR A 272 -4.66 -19.41 5.05
C TYR A 272 -4.37 -17.94 4.67
N LEU A 273 -5.40 -17.25 4.19
CA LEU A 273 -5.31 -15.85 3.67
C LEU A 273 -4.88 -14.90 4.80
N ARG A 274 -5.44 -15.09 6.00
CA ARG A 274 -5.08 -14.32 7.21
C ARG A 274 -3.66 -14.69 7.65
N ALA A 275 -3.26 -15.94 7.42
CA ALA A 275 -1.90 -16.43 7.78
C ALA A 275 -0.86 -15.75 6.88
N ARG A 276 -1.13 -15.62 5.58
CA ARG A 276 -0.22 -14.92 4.63
C ARG A 276 -0.07 -13.47 5.08
N SER A 277 -1.19 -12.79 5.35
CA SER A 277 -1.23 -11.37 5.76
C SER A 277 -0.40 -11.19 7.03
N ALA A 278 -0.60 -12.05 8.02
CA ALA A 278 0.14 -12.03 9.31
C ALA A 278 1.62 -12.34 9.06
N TYR A 279 1.91 -13.26 8.13
CA TYR A 279 3.29 -13.65 7.75
C TYR A 279 4.02 -12.44 7.15
N LEU A 280 3.37 -11.69 6.24
CA LEU A 280 3.98 -10.49 5.60
C LEU A 280 4.29 -9.42 6.65
N GLU A 281 3.51 -9.33 7.71
CA GLU A 281 3.74 -8.35 8.83
C GLU A 281 5.01 -8.76 9.59
N LEU A 282 5.18 -10.05 9.89
CA LEU A 282 6.35 -10.58 10.65
C LEU A 282 7.62 -10.43 9.81
N ILE A 283 7.57 -10.76 8.52
CA ILE A 283 8.71 -10.61 7.56
C ILE A 283 9.20 -9.17 7.63
N GLY A 284 8.26 -8.22 7.53
CA GLY A 284 8.55 -6.77 7.52
C GLY A 284 9.24 -6.34 8.81
N TRP A 285 8.73 -6.78 9.96
CA TRP A 285 9.27 -6.43 11.30
C TRP A 285 10.68 -7.00 11.45
N ASP A 286 10.93 -8.16 10.82
CA ASP A 286 12.22 -8.88 10.90
C ASP A 286 13.29 -8.04 10.18
N VAL A 287 12.94 -7.41 9.06
CA VAL A 287 13.87 -6.50 8.33
C VAL A 287 14.07 -5.23 9.16
N VAL A 288 12.99 -4.62 9.64
CA VAL A 288 13.06 -3.32 10.38
C VAL A 288 13.93 -3.50 11.64
N LEU A 289 13.60 -4.48 12.48
CA LEU A 289 14.33 -4.73 13.76
C LEU A 289 15.78 -5.14 13.47
N GLU A 290 16.02 -5.84 12.35
CA GLU A 290 17.39 -6.20 11.90
C GLU A 290 18.15 -4.91 11.62
N ILE A 291 17.55 -3.98 10.88
CA ILE A 291 18.19 -2.69 10.51
C ILE A 291 18.53 -1.94 11.80
N LEU A 292 17.57 -1.85 12.72
CA LEU A 292 17.72 -1.09 13.99
C LEU A 292 18.86 -1.72 14.81
N SER A 293 18.87 -3.05 14.92
CA SER A 293 19.92 -3.82 15.64
C SER A 293 21.31 -3.47 15.09
N ARG A 294 21.51 -3.58 13.77
CA ARG A 294 22.85 -3.53 13.13
C ARG A 294 23.36 -2.07 13.03
N LEU A 295 22.48 -1.08 12.91
CA LEU A 295 22.86 0.36 12.88
C LEU A 295 22.93 0.92 14.31
N GLY A 296 22.53 0.14 15.31
CA GLY A 296 22.55 0.54 16.73
C GLY A 296 21.56 1.66 16.98
N LEU A 297 20.31 1.43 16.56
CA LEU A 297 19.19 2.41 16.66
C LEU A 297 18.09 1.81 17.54
N THR A 298 17.06 2.61 17.82
CA THR A 298 15.94 2.31 18.75
C THR A 298 14.65 2.29 17.92
N ARG A 299 13.54 1.77 18.48
CA ARG A 299 12.24 1.73 17.77
C ARG A 299 11.78 3.15 17.40
N ALA A 300 12.26 4.17 18.13
CA ALA A 300 11.91 5.60 17.89
C ALA A 300 12.40 6.03 16.51
N ASN A 301 13.42 5.35 15.97
CA ASN A 301 14.03 5.67 14.65
C ASN A 301 13.09 5.21 13.53
N VAL A 302 12.07 4.41 13.86
CA VAL A 302 10.97 4.02 12.93
C VAL A 302 9.99 5.19 12.86
N VAL A 303 10.07 6.00 11.80
CA VAL A 303 9.06 7.07 11.52
C VAL A 303 7.70 6.37 11.35
N PHE A 304 7.61 5.39 10.46
CA PHE A 304 6.38 4.56 10.32
C PHE A 304 6.73 3.15 9.83
N ASN A 305 5.79 2.23 10.01
CA ASN A 305 5.82 0.86 9.43
C ASN A 305 4.39 0.37 9.23
N ALA A 306 3.76 0.71 8.09
CA ALA A 306 2.35 0.39 7.78
C ALA A 306 2.17 0.02 6.31
N GLY A 307 1.37 -1.02 6.04
CA GLY A 307 1.08 -1.55 4.69
C GLY A 307 2.36 -1.92 3.95
N GLY A 308 3.25 -2.68 4.60
CA GLY A 308 4.53 -3.15 4.03
C GLY A 308 5.46 -2.01 3.64
N HIS A 309 5.22 -0.80 4.14
CA HIS A 309 6.00 0.42 3.83
C HIS A 309 6.60 0.95 5.15
N PHE A 310 7.92 1.02 5.24
CA PHE A 310 8.62 1.53 6.45
C PHE A 310 9.59 2.65 6.06
N MET A 311 9.84 3.54 7.01
CA MET A 311 10.79 4.69 6.91
C MET A 311 11.55 4.80 8.22
N ILE A 312 12.87 4.99 8.15
CA ILE A 312 13.79 5.01 9.33
C ILE A 312 14.80 6.14 9.12
N ILE A 313 14.99 6.98 10.13
CA ILE A 313 16.07 8.02 10.18
C ILE A 313 17.29 7.37 10.85
N ALA A 314 18.47 7.48 10.22
CA ALA A 314 19.71 6.79 10.66
C ALA A 314 20.94 7.63 10.35
N GLN A 315 22.10 7.17 10.83
CA GLN A 315 23.43 7.78 10.62
C GLN A 315 23.86 7.58 9.17
N ASN A 316 24.63 8.52 8.61
CA ASN A 316 25.24 8.40 7.27
C ASN A 316 26.74 8.15 7.43
N THR A 317 27.11 7.03 8.07
CA THR A 317 28.51 6.52 8.13
C THR A 317 28.71 5.50 7.01
N PRO A 318 29.92 5.41 6.42
CA PRO A 318 30.30 4.25 5.61
C PRO A 318 29.95 2.89 6.25
N ASP A 319 30.04 2.76 7.57
CA ASP A 319 29.69 1.54 8.34
C ASP A 319 28.21 1.18 8.13
N ALA A 320 27.33 2.19 8.16
CA ALA A 320 25.86 2.02 8.10
C ALA A 320 25.42 1.64 6.69
N VAL A 321 25.94 2.32 5.65
CA VAL A 321 25.60 2.04 4.22
C VAL A 321 26.04 0.60 3.87
N LYS A 322 27.20 0.17 4.39
CA LYS A 322 27.71 -1.21 4.23
C LYS A 322 26.76 -2.19 4.93
N GLU A 323 26.29 -1.85 6.13
CA GLU A 323 25.37 -2.71 6.93
C GLU A 323 24.03 -2.84 6.18
N LEU A 324 23.59 -1.77 5.52
CA LEU A 324 22.29 -1.72 4.78
C LEU A 324 22.40 -2.56 3.50
N GLU A 325 23.52 -2.44 2.79
CA GLU A 325 23.79 -3.22 1.56
C GLU A 325 23.74 -4.71 1.91
N GLU A 326 24.41 -5.12 2.98
CA GLU A 326 24.43 -6.53 3.45
C GLU A 326 22.99 -6.98 3.72
N ILE A 327 22.24 -6.21 4.52
CA ILE A 327 20.83 -6.46 4.92
C ILE A 327 19.94 -6.52 3.66
N ARG A 328 19.96 -5.46 2.85
CA ARG A 328 19.14 -5.37 1.61
C ARG A 328 19.31 -6.68 0.83
N ALA A 329 20.55 -7.13 0.62
CA ALA A 329 20.91 -8.26 -0.26
C ALA A 329 20.51 -9.60 0.39
N LYS A 330 20.74 -9.77 1.69
CA LYS A 330 20.42 -11.05 2.38
C LYS A 330 18.90 -11.22 2.49
N ALA A 331 18.16 -10.13 2.64
CA ALA A 331 16.68 -10.13 2.73
C ALA A 331 16.09 -10.52 1.36
N VAL A 332 16.56 -9.88 0.29
CA VAL A 332 16.09 -10.15 -1.10
C VAL A 332 16.40 -11.62 -1.45
N GLU A 333 17.64 -12.06 -1.23
CA GLU A 333 18.11 -13.43 -1.56
C GLU A 333 17.18 -14.44 -0.88
N TRP A 334 16.76 -14.14 0.35
CA TRP A 334 15.85 -15.02 1.13
C TRP A 334 14.46 -15.02 0.51
N LEU A 335 13.96 -13.85 0.10
CA LEU A 335 12.59 -13.71 -0.49
C LEU A 335 12.55 -14.54 -1.78
N TYR A 336 13.61 -14.46 -2.60
CA TYR A 336 13.72 -15.13 -3.92
C TYR A 336 13.68 -16.65 -3.72
N ARG A 337 14.52 -17.17 -2.80
CA ARG A 337 14.61 -18.63 -2.50
C ARG A 337 13.28 -19.14 -1.93
N GLU A 338 12.55 -18.30 -1.18
CA GLU A 338 11.37 -18.72 -0.38
C GLU A 338 10.07 -18.63 -1.19
N PHE A 339 9.96 -17.66 -2.11
CA PHE A 339 8.68 -17.33 -2.80
C PHE A 339 8.87 -17.03 -4.30
N GLU A 340 10.06 -17.27 -4.87
CA GLU A 340 10.40 -16.98 -6.30
C GLU A 340 10.29 -15.46 -6.54
N SER A 341 9.84 -15.06 -7.73
CA SER A 341 9.65 -13.63 -8.11
C SER A 341 8.47 -12.99 -7.38
N ASP A 342 7.62 -13.77 -6.70
CA ASP A 342 6.31 -13.29 -6.14
C ASP A 342 6.50 -12.04 -5.29
N LEU A 343 7.18 -12.15 -4.14
CA LEU A 343 7.35 -11.03 -3.18
C LEU A 343 8.77 -10.48 -3.28
N TYR A 344 8.89 -9.18 -3.55
CA TYR A 344 10.16 -8.41 -3.57
C TYR A 344 10.11 -7.34 -2.48
N LEU A 345 11.27 -6.98 -1.91
CA LEU A 345 11.40 -5.83 -0.97
C LEU A 345 12.39 -4.83 -1.57
N ALA A 346 11.89 -3.66 -1.99
CA ALA A 346 12.70 -2.55 -2.52
C ALA A 346 13.15 -1.68 -1.35
N ILE A 347 14.46 -1.66 -1.05
CA ILE A 347 15.05 -0.82 0.03
C ILE A 347 16.03 0.19 -0.59
N GLU A 348 15.87 1.45 -0.23
CA GLU A 348 16.74 2.58 -0.65
C GLU A 348 16.95 3.51 0.54
N TRP A 349 17.97 4.36 0.45
CA TRP A 349 18.34 5.37 1.47
C TRP A 349 19.03 6.53 0.77
N GLU A 350 18.86 7.74 1.31
CA GLU A 350 19.44 8.97 0.71
C GLU A 350 20.20 9.75 1.77
N PRO A 351 21.43 10.24 1.47
CA PRO A 351 22.14 11.14 2.37
C PRO A 351 21.34 12.45 2.50
N VAL A 352 21.14 12.92 3.73
CA VAL A 352 20.27 14.08 4.08
C VAL A 352 20.90 14.85 5.24
N SER A 353 20.73 16.18 5.26
CA SER A 353 21.26 17.12 6.28
C SER A 353 20.10 17.64 7.17
N GLY A 354 20.45 18.14 8.37
CA GLY A 354 19.53 18.84 9.28
C GLY A 354 18.64 19.84 8.55
N ARG A 355 19.23 20.72 7.73
CA ARG A 355 18.49 21.68 6.86
C ARG A 355 17.20 21.01 6.35
N GLU A 356 17.35 19.79 5.81
CA GLU A 356 16.34 19.10 4.96
C GLU A 356 15.22 18.49 5.82
N PHE A 357 15.38 18.42 7.14
CA PHE A 357 14.29 18.03 8.08
C PHE A 357 13.31 19.20 8.26
N GLY A 358 13.61 20.35 7.71
CA GLY A 358 12.73 21.51 7.94
C GLY A 358 12.52 22.37 6.72
N ARG A 359 11.54 23.26 6.81
CA ARG A 359 11.20 24.22 5.74
C ARG A 359 12.34 25.25 5.67
N GLU A 360 12.80 25.61 4.48
CA GLU A 360 13.85 26.64 4.38
C GLU A 360 13.40 27.68 3.35
N GLY A 361 13.17 28.91 3.78
CA GLY A 361 12.82 29.96 2.81
C GLY A 361 11.63 29.59 1.96
N GLY A 362 10.57 29.06 2.56
CA GLY A 362 9.32 28.77 1.83
C GLY A 362 9.37 27.50 0.99
N LYS A 363 10.50 26.78 1.00
CA LYS A 363 10.62 25.52 0.24
C LYS A 363 10.53 24.38 1.24
N ASN A 364 9.66 23.41 0.98
CA ASN A 364 9.57 22.27 1.92
C ASN A 364 10.66 21.29 1.50
N LEU A 365 11.82 21.37 2.14
CA LEU A 365 13.02 20.55 1.79
C LEU A 365 12.78 19.08 2.16
N PHE A 366 12.01 18.83 3.22
CA PHE A 366 11.73 17.47 3.75
C PHE A 366 10.92 16.66 2.74
N ALA A 367 9.88 17.28 2.18
CA ALA A 367 9.06 16.69 1.09
C ALA A 367 9.95 16.47 -0.14
N GLU A 368 10.86 17.42 -0.41
CA GLU A 368 11.76 17.42 -1.59
C GLU A 368 12.74 16.26 -1.45
N ALA A 369 13.14 15.92 -0.22
CA ALA A 369 14.07 14.82 0.08
C ALA A 369 13.31 13.48 -0.01
N ARG A 370 12.10 13.45 0.54
CA ARG A 370 11.16 12.30 0.44
C ARG A 370 10.89 12.01 -1.04
N LYS A 371 10.62 13.04 -1.84
CA LYS A 371 10.34 12.90 -3.30
C LYS A 371 11.52 12.23 -4.02
N ARG A 372 12.76 12.66 -3.74
CA ARG A 372 14.02 12.10 -4.33
C ARG A 372 14.23 10.66 -3.85
N LEU A 373 13.77 10.32 -2.64
CA LEU A 373 13.87 8.94 -2.10
C LEU A 373 12.81 8.06 -2.78
N LYS A 374 11.58 8.57 -2.93
CA LYS A 374 10.48 7.93 -3.70
C LYS A 374 11.02 7.51 -5.08
N HIS A 375 11.69 8.42 -5.79
CA HIS A 375 12.24 8.19 -7.16
C HIS A 375 13.21 7.01 -7.13
N LYS A 376 14.10 6.95 -6.14
CA LYS A 376 15.09 5.84 -6.04
C LYS A 376 14.33 4.53 -5.90
N LEU A 377 13.20 4.53 -5.18
CA LEU A 377 12.39 3.31 -4.90
C LEU A 377 11.71 2.84 -6.20
N THR A 378 11.16 3.76 -6.97
CA THR A 378 10.48 3.48 -8.26
C THR A 378 11.50 2.82 -9.20
N VAL A 379 12.72 3.35 -9.27
CA VAL A 379 13.86 2.79 -10.07
C VAL A 379 14.18 1.39 -9.56
N ARG A 380 14.27 1.21 -8.24
CA ARG A 380 14.66 -0.09 -7.62
C ARG A 380 13.57 -1.12 -7.91
N LYS A 381 12.30 -0.71 -7.95
CA LYS A 381 11.15 -1.60 -8.27
C LYS A 381 11.21 -2.05 -9.74
N LEU A 382 11.90 -1.30 -10.59
CA LEU A 382 12.15 -1.62 -12.02
C LEU A 382 13.49 -2.35 -12.18
N LYS A 383 14.17 -2.68 -11.08
CA LYS A 383 15.40 -3.51 -11.07
C LYS A 383 15.19 -4.65 -10.06
N ARG A 384 14.00 -5.25 -10.12
CA ARG A 384 13.51 -6.32 -9.21
C ARG A 384 14.49 -7.48 -9.14
N PHE A 385 15.01 -7.77 -7.95
CA PHE A 385 15.92 -8.90 -7.65
C PHE A 385 17.28 -8.70 -8.34
N GLY A 386 17.60 -7.46 -8.75
CA GLY A 386 18.91 -7.09 -9.34
C GLY A 386 20.06 -7.24 -8.36
N GLU A 387 19.75 -7.54 -7.09
CA GLU A 387 20.73 -7.77 -5.99
C GLU A 387 21.17 -9.25 -5.98
N ILE A 388 20.67 -10.05 -6.91
CA ILE A 388 21.11 -11.44 -7.22
C ILE A 388 21.74 -11.43 -8.62
N LYS A 389 23.05 -11.69 -8.76
CA LYS A 389 23.71 -11.78 -10.09
C LYS A 389 23.43 -13.16 -10.71
N GLY A 390 23.03 -14.14 -9.90
CA GLY A 390 22.66 -15.50 -10.37
C GLY A 390 21.28 -15.55 -11.00
N LEU A 391 20.66 -14.39 -11.24
CA LEU A 391 19.24 -14.26 -11.66
C LEU A 391 19.07 -14.69 -13.12
N PHE A 392 19.99 -14.28 -14.00
CA PHE A 392 19.91 -14.47 -15.47
C PHE A 392 20.92 -15.54 -15.91
N GLU A 393 20.75 -16.76 -15.38
CA GLU A 393 21.59 -17.95 -15.67
C GLU A 393 20.72 -19.21 -15.68
N CYS A 430 3.85 -23.82 3.73
CA CYS A 430 2.38 -23.99 3.55
C CYS A 430 1.78 -24.97 4.57
N ASN A 431 2.59 -25.57 5.45
CA ASN A 431 2.15 -26.35 6.65
C ASN A 431 2.32 -25.49 7.91
N ARG A 432 3.42 -24.73 7.98
CA ARG A 432 3.76 -23.82 9.12
C ARG A 432 2.77 -22.65 9.15
N LEU A 433 2.23 -22.25 7.99
CA LEU A 433 1.28 -21.12 7.84
C LEU A 433 -0.15 -21.57 8.18
N VAL A 434 -0.50 -22.83 7.91
CA VAL A 434 -1.81 -23.45 8.28
C VAL A 434 -1.92 -23.47 9.81
N SER A 435 -0.89 -23.99 10.49
CA SER A 435 -0.76 -24.02 11.97
C SER A 435 -0.82 -22.61 12.55
N LEU A 436 -0.31 -21.61 11.80
CA LEU A 436 -0.31 -20.16 12.15
C LEU A 436 -1.73 -19.60 12.10
N PRO A 441 -5.17 -18.34 18.31
CA PRO A 441 -6.23 -17.61 19.03
C PRO A 441 -6.11 -17.68 20.56
N LYS A 442 -4.89 -17.88 21.08
CA LYS A 442 -4.55 -17.89 22.54
C LYS A 442 -3.18 -17.21 22.75
N LEU A 443 -2.59 -16.64 21.69
CA LEU A 443 -1.22 -16.08 21.67
C LEU A 443 -1.28 -14.58 21.97
N LEU A 444 -0.19 -14.03 22.48
CA LEU A 444 -0.06 -12.60 22.84
C LEU A 444 0.96 -11.92 21.91
N GLY A 445 1.76 -12.70 21.19
CA GLY A 445 2.78 -12.19 20.25
C GLY A 445 3.71 -13.28 19.79
N PHE A 446 4.92 -12.89 19.34
CA PHE A 446 6.00 -13.79 18.89
C PHE A 446 7.34 -13.30 19.43
N GLY A 447 8.25 -14.24 19.70
CA GLY A 447 9.65 -13.96 20.04
C GLY A 447 10.52 -14.03 18.79
N ARG A 448 11.39 -13.03 18.59
CA ARG A 448 12.38 -12.95 17.48
C ARG A 448 13.69 -13.60 17.98
N THR A 449 13.87 -14.89 17.70
CA THR A 449 15.03 -15.73 18.09
C THR A 449 15.86 -16.12 16.86
N ALA A 450 16.93 -16.88 17.08
CA ALA A 450 17.72 -17.56 16.02
C ALA A 450 16.79 -18.50 15.22
N LYS A 451 17.09 -18.67 13.93
CA LYS A 451 16.33 -19.55 12.99
C LYS A 451 16.36 -20.99 13.51
N ASN A 452 17.54 -21.47 13.91
CA ASN A 452 17.77 -22.79 14.55
C ASN A 452 17.45 -22.65 16.04
N ASP A 453 16.21 -22.93 16.43
CA ASP A 453 15.71 -22.77 17.84
C ASP A 453 14.44 -23.61 18.00
N ALA A 454 14.27 -24.23 19.17
CA ALA A 454 13.10 -25.05 19.53
C ALA A 454 11.84 -24.17 19.57
N GLY A 455 10.75 -24.60 18.91
CA GLY A 455 9.44 -23.94 18.98
C GLY A 455 9.19 -22.97 17.83
N VAL A 456 10.23 -22.54 17.13
CA VAL A 456 10.14 -21.67 15.92
C VAL A 456 9.03 -22.21 15.01
N LEU A 457 7.98 -21.41 14.78
CA LEU A 457 6.78 -21.80 13.97
C LEU A 457 6.93 -21.27 12.54
N VAL A 458 7.46 -20.07 12.35
CA VAL A 458 7.77 -19.49 11.01
C VAL A 458 9.13 -18.81 11.08
N GLU A 459 9.82 -18.72 9.94
CA GLU A 459 11.12 -18.04 9.79
C GLU A 459 10.96 -16.85 8.84
N GLY A 460 11.59 -15.73 9.19
CA GLY A 460 11.79 -14.58 8.29
C GLY A 460 13.22 -14.57 7.75
N PRO A 461 13.63 -13.54 6.97
CA PRO A 461 14.97 -13.51 6.38
C PRO A 461 16.13 -13.58 7.38
N PHE A 462 15.97 -13.10 8.61
CA PHE A 462 17.09 -12.90 9.56
C PHE A 462 16.93 -13.73 10.85
N SER A 463 15.72 -14.21 11.14
CA SER A 463 15.35 -14.68 12.50
C SER A 463 14.18 -15.66 12.42
N GLY A 464 14.04 -16.49 13.46
CA GLY A 464 12.91 -17.41 13.67
C GLY A 464 11.89 -16.80 14.62
N PHE A 465 10.62 -17.14 14.45
CA PHE A 465 9.49 -16.53 15.20
C PHE A 465 8.78 -17.61 16.01
N VAL A 466 9.03 -17.61 17.31
CA VAL A 466 8.43 -18.53 18.31
C VAL A 466 7.14 -17.90 18.81
N PRO A 467 5.98 -18.59 18.71
CA PRO A 467 4.72 -18.05 19.22
C PRO A 467 4.72 -17.98 20.75
N TYR A 468 4.43 -16.79 21.29
CA TYR A 468 4.31 -16.47 22.74
C TYR A 468 2.83 -16.56 23.14
N LEU A 469 2.49 -17.54 23.98
CA LEU A 469 1.10 -17.87 24.39
C LEU A 469 0.89 -17.48 25.86
N GLN A 470 -0.38 -17.26 26.26
CA GLN A 470 -0.78 -16.77 27.61
C GLN A 470 -0.12 -17.64 28.69
N GLY A 471 -0.28 -18.96 28.60
CA GLY A 471 0.23 -19.93 29.60
C GLY A 471 1.74 -19.93 29.70
N GLY A 472 2.45 -19.66 28.60
CA GLY A 472 3.91 -19.90 28.47
C GLY A 472 4.74 -18.64 28.67
N ARG A 473 6.07 -18.79 28.54
CA ARG A 473 7.08 -17.69 28.62
C ARG A 473 7.47 -17.25 27.22
N PRO A 474 7.86 -15.97 27.03
CA PRO A 474 8.39 -15.49 25.76
C PRO A 474 9.84 -15.96 25.58
N VAL A 475 10.34 -15.95 24.34
CA VAL A 475 11.71 -16.40 23.98
C VAL A 475 12.29 -15.43 22.94
N GLY A 476 13.42 -14.78 23.23
CA GLY A 476 14.22 -14.04 22.24
C GLY A 476 14.67 -12.69 22.75
N GLU A 477 15.67 -12.11 22.09
CA GLU A 477 16.20 -10.75 22.37
C GLU A 477 15.05 -9.74 22.23
N GLN A 478 14.19 -9.90 21.21
CA GLN A 478 13.01 -9.04 20.97
C GLN A 478 11.73 -9.89 21.13
N ILE A 479 10.71 -9.33 21.79
CA ILE A 479 9.32 -9.89 21.86
C ILE A 479 8.37 -8.93 21.14
N LEU A 480 7.69 -9.41 20.09
CA LEU A 480 6.59 -8.67 19.40
C LEU A 480 5.29 -8.99 20.13
N VAL A 481 4.65 -7.97 20.71
CA VAL A 481 3.45 -8.12 21.59
C VAL A 481 2.26 -7.40 20.93
N LYS A 482 1.14 -8.10 20.82
CA LYS A 482 -0.02 -7.72 19.96
C LYS A 482 -1.02 -6.87 20.75
N ASN A 483 -1.34 -5.68 20.23
CA ASN A 483 -2.51 -4.84 20.60
C ASN A 483 -2.45 -4.41 22.08
N THR A 484 -1.26 -4.07 22.59
CA THR A 484 -1.06 -3.43 23.92
C THR A 484 0.19 -2.53 23.89
N LEU A 485 0.23 -1.53 24.77
CA LEU A 485 1.44 -0.70 25.06
C LEU A 485 2.00 -1.10 26.44
N ASN A 486 1.60 -2.25 26.98
CA ASN A 486 1.99 -2.75 28.32
C ASN A 486 2.88 -3.98 28.14
N PRO A 487 4.18 -3.89 28.51
CA PRO A 487 5.11 -5.02 28.40
C PRO A 487 4.59 -6.37 28.92
N GLY A 488 3.57 -6.36 29.79
CA GLY A 488 3.06 -7.57 30.44
C GLY A 488 4.15 -8.21 31.29
N GLU A 489 4.13 -9.55 31.40
CA GLU A 489 5.13 -10.31 32.20
C GLU A 489 6.11 -10.98 31.24
N ILE A 490 7.01 -10.17 30.68
CA ILE A 490 8.16 -10.59 29.83
C ILE A 490 9.43 -10.29 30.63
N PRO A 491 10.58 -10.95 30.34
CA PRO A 491 11.80 -10.72 31.12
C PRO A 491 12.35 -9.31 30.87
N GLU A 492 12.97 -8.73 31.90
CA GLU A 492 13.56 -7.35 31.89
C GLU A 492 14.50 -7.19 30.70
N SER A 493 15.25 -8.25 30.36
CA SER A 493 16.31 -8.23 29.32
C SER A 493 15.72 -8.08 27.91
N ALA A 494 14.48 -8.54 27.70
CA ALA A 494 13.83 -8.67 26.38
C ALA A 494 13.26 -7.31 25.92
N GLN A 495 13.63 -6.88 24.71
CA GLN A 495 13.13 -5.65 24.06
C GLN A 495 11.62 -5.79 23.78
N PHE A 496 10.81 -4.89 24.34
CA PHE A 496 9.34 -4.81 24.12
C PHE A 496 9.09 -4.16 22.76
N VAL A 497 8.35 -4.85 21.88
CA VAL A 497 7.94 -4.32 20.55
C VAL A 497 6.43 -4.44 20.43
N PRO A 498 5.68 -3.36 20.75
CA PRO A 498 4.25 -3.33 20.49
C PRO A 498 3.97 -3.22 18.98
N TYR A 499 3.10 -4.09 18.48
CA TYR A 499 2.57 -4.04 17.09
C TYR A 499 1.04 -4.18 17.16
N PHE A 500 0.33 -3.28 16.50
CA PHE A 500 -1.15 -3.31 16.42
C PHE A 500 -1.54 -4.00 15.10
N VAL A 501 -2.56 -4.86 15.16
CA VAL A 501 -3.13 -5.54 13.96
C VAL A 501 -4.66 -5.60 14.10
N ALA A 502 -5.36 -5.20 13.05
CA ALA A 502 -6.82 -5.34 12.88
C ALA A 502 -7.10 -6.80 12.51
N ASP A 503 -7.55 -7.60 13.47
CA ASP A 503 -7.70 -9.07 13.33
C ASP A 503 -9.10 -9.52 13.78
N TYR A 504 -10.10 -8.63 13.80
CA TYR A 504 -11.51 -9.03 14.05
C TYR A 504 -11.85 -10.23 13.16
N PHE A 505 -12.59 -11.20 13.69
CA PHE A 505 -13.15 -12.35 12.93
C PHE A 505 -14.39 -12.90 13.64
N LYS A 506 -15.42 -13.26 12.88
CA LYS A 506 -16.61 -14.01 13.37
C LYS A 506 -16.17 -15.40 13.85
N LYS A 507 -16.31 -15.65 15.15
CA LYS A 507 -15.97 -16.96 15.76
C LYS A 507 -17.03 -17.98 15.36
N ASP A 508 -16.58 -19.15 14.90
CA ASP A 508 -17.42 -20.32 14.53
C ASP A 508 -18.15 -20.86 15.76
N PRO A 509 -19.10 -21.80 15.59
CA PRO A 509 -19.51 -22.69 16.67
C PRO A 509 -18.32 -23.40 17.35
N LYS A 510 -17.25 -23.64 16.57
CA LYS A 510 -15.88 -23.97 17.06
C LYS A 510 -15.12 -22.64 17.25
N GLY A 511 -14.15 -22.58 18.16
CA GLY A 511 -13.43 -21.32 18.49
C GLY A 511 -12.61 -20.75 17.34
N GLY A 512 -12.70 -21.36 16.14
CA GLY A 512 -11.90 -21.03 14.95
C GLY A 512 -12.54 -19.94 14.09
N VAL A 513 -11.76 -19.33 13.20
CA VAL A 513 -12.24 -18.24 12.28
C VAL A 513 -13.20 -18.87 11.26
N ALA A 514 -14.38 -18.29 11.10
CA ALA A 514 -15.45 -18.76 10.19
C ALA A 514 -14.91 -18.86 8.76
N THR A 515 -15.59 -19.64 7.92
CA THR A 515 -15.24 -19.89 6.50
C THR A 515 -16.07 -18.96 5.61
N PHE A 516 -15.66 -18.78 4.35
CA PHE A 516 -16.43 -18.12 3.28
C PHE A 516 -17.87 -18.63 3.26
N GLU A 517 -18.04 -19.94 3.43
CA GLU A 517 -19.33 -20.70 3.35
C GLU A 517 -20.26 -20.25 4.48
N GLU A 518 -19.76 -20.24 5.72
CA GLU A 518 -20.54 -19.90 6.94
C GLU A 518 -20.87 -18.40 6.92
N LEU A 519 -19.93 -17.55 6.50
CA LEU A 519 -20.13 -16.08 6.37
C LEU A 519 -21.25 -15.81 5.37
N SER A 520 -21.20 -16.49 4.23
CA SER A 520 -22.20 -16.36 3.12
C SER A 520 -23.57 -16.86 3.60
N MET A 521 -23.61 -17.95 4.37
CA MET A 521 -24.87 -18.59 4.87
C MET A 521 -25.61 -17.64 5.82
N ALA A 522 -24.90 -16.69 6.46
CA ALA A 522 -25.44 -15.79 7.49
C ALA A 522 -26.11 -14.55 6.87
N SER A 523 -26.14 -14.42 5.54
CA SER A 523 -26.64 -13.19 4.88
C SER A 523 -28.17 -13.15 4.92
N THR A 524 -28.73 -11.95 4.77
CA THR A 524 -30.18 -11.68 4.58
C THR A 524 -30.49 -11.94 3.10
N GLY A 525 -31.53 -12.70 2.79
CA GLY A 525 -31.95 -13.03 1.41
C GLY A 525 -30.91 -13.89 0.71
N THR A 526 -30.40 -13.45 -0.44
CA THR A 526 -29.39 -14.16 -1.27
C THR A 526 -28.17 -14.55 -0.41
N ARG A 527 -27.70 -15.79 -0.54
CA ARG A 527 -26.43 -16.27 0.06
C ARG A 527 -25.28 -15.94 -0.89
N ARG A 528 -24.58 -14.84 -0.62
CA ARG A 528 -23.34 -14.41 -1.31
C ARG A 528 -22.31 -14.01 -0.25
N LEU A 529 -21.03 -14.15 -0.56
CA LEU A 529 -19.93 -13.59 0.26
C LEU A 529 -19.77 -12.11 -0.11
N GLY A 530 -19.83 -11.24 0.90
CA GLY A 530 -19.48 -9.81 0.78
C GLY A 530 -17.98 -9.64 0.82
N VAL A 531 -17.44 -8.82 -0.08
CA VAL A 531 -16.00 -8.47 -0.17
C VAL A 531 -15.89 -6.98 -0.45
N MET A 532 -15.19 -6.23 0.41
CA MET A 532 -14.94 -4.79 0.18
C MET A 532 -13.45 -4.50 0.36
N LYS A 533 -12.87 -3.81 -0.63
CA LYS A 533 -11.49 -3.29 -0.60
C LYS A 533 -11.60 -1.76 -0.54
N GLY A 534 -10.97 -1.16 0.47
CA GLY A 534 -11.03 0.29 0.73
C GLY A 534 -9.65 0.90 0.78
N ASP A 535 -9.56 2.19 0.49
CA ASP A 535 -8.27 2.86 0.27
C ASP A 535 -8.48 4.38 0.31
N VAL A 536 -7.66 5.09 1.10
CA VAL A 536 -7.76 6.56 1.29
C VAL A 536 -7.29 7.27 0.03
N ASP A 537 -7.98 8.35 -0.34
CA ASP A 537 -7.71 9.15 -1.57
C ASP A 537 -6.59 10.15 -1.28
N ARG A 538 -5.61 10.23 -2.19
CA ARG A 538 -4.58 11.29 -2.33
C ARG A 538 -3.78 11.44 -1.02
N LEU A 539 -3.51 10.33 -0.35
CA LEU A 539 -2.68 10.28 0.89
C LEU A 539 -1.29 10.85 0.58
N GLY A 540 -0.64 10.36 -0.47
CA GLY A 540 0.70 10.81 -0.92
C GLY A 540 0.84 12.32 -0.86
N GLU A 541 -0.15 13.05 -1.38
CA GLU A 541 -0.18 14.53 -1.45
C GLU A 541 -0.29 15.10 -0.03
N PHE A 542 -1.08 14.46 0.82
CA PHE A 542 -1.33 14.88 2.23
C PHE A 542 -0.02 14.76 3.04
N PHE A 543 0.73 13.68 2.83
CA PHE A 543 2.03 13.42 3.51
C PHE A 543 3.12 14.37 3.00
N SER A 544 3.06 14.70 1.71
CA SER A 544 3.96 15.66 1.02
C SER A 544 3.80 17.06 1.63
N SER A 545 2.64 17.38 2.19
CA SER A 545 2.32 18.69 2.82
C SER A 545 2.73 18.70 4.30
N MET A 546 3.45 17.68 4.77
CA MET A 546 4.01 17.65 6.16
C MET A 546 5.42 18.25 6.13
N ASP A 547 5.61 19.33 6.89
CA ASP A 547 6.80 20.22 6.94
C ASP A 547 8.03 19.54 7.55
N SER A 548 7.81 18.65 8.53
CA SER A 548 8.86 18.17 9.46
C SER A 548 8.71 16.66 9.74
N PRO A 549 9.79 16.00 10.23
CA PRO A 549 9.71 14.60 10.67
C PRO A 549 8.61 14.32 11.70
N SER A 550 8.48 15.18 12.70
CA SER A 550 7.51 15.02 13.82
C SER A 550 6.08 15.17 13.30
N LYS A 551 5.84 16.09 12.37
CA LYS A 551 4.56 16.28 11.65
C LYS A 551 4.21 15.00 10.86
N LEU A 552 5.14 14.54 10.00
CA LEU A 552 4.95 13.29 9.21
C LEU A 552 4.64 12.14 10.17
N ALA A 553 5.37 12.04 11.28
CA ALA A 553 5.24 11.01 12.34
C ALA A 553 3.83 11.01 12.95
N THR A 554 3.21 12.19 13.13
CA THR A 554 1.83 12.30 13.67
C THR A 554 0.82 11.87 12.60
N ALA A 555 0.95 12.38 11.37
CA ALA A 555 0.09 12.04 10.21
C ALA A 555 0.07 10.51 9.99
N SER A 556 1.22 9.88 9.79
CA SER A 556 1.35 8.43 9.48
C SER A 556 0.77 7.60 10.63
N ARG A 557 1.05 7.96 11.89
CA ARG A 557 0.60 7.18 13.07
C ARG A 557 -0.93 7.25 13.19
N PHE A 558 -1.50 8.46 13.17
CA PHE A 558 -2.95 8.71 13.30
C PHE A 558 -3.69 8.00 12.17
N MET A 559 -3.11 8.05 10.96
CA MET A 559 -3.66 7.39 9.76
C MET A 559 -3.68 5.86 9.97
N ASP A 560 -2.53 5.28 10.30
CA ASP A 560 -2.37 3.82 10.47
C ASP A 560 -3.34 3.33 11.56
N TYR A 561 -3.45 4.07 12.67
CA TYR A 561 -4.23 3.69 13.88
C TYR A 561 -5.73 3.62 13.57
N PHE A 562 -6.24 4.41 12.62
CA PHE A 562 -7.66 4.33 12.21
C PHE A 562 -7.96 2.90 11.76
N PHE A 563 -7.11 2.38 10.87
CA PHE A 563 -7.31 1.06 10.21
C PHE A 563 -6.93 -0.08 11.17
N LYS A 564 -5.80 0.03 11.86
CA LYS A 564 -5.29 -1.04 12.75
C LYS A 564 -6.04 -1.02 14.09
N GLY A 565 -6.52 0.15 14.53
CA GLY A 565 -7.00 0.37 15.91
C GLY A 565 -8.52 0.32 16.02
N TYR A 566 -9.23 0.99 15.11
CA TYR A 566 -10.65 1.37 15.30
C TYR A 566 -11.61 0.60 14.37
N ILE A 567 -11.12 -0.10 13.34
CA ILE A 567 -12.02 -0.85 12.41
C ILE A 567 -12.68 -2.00 13.18
N GLY A 568 -11.96 -2.66 14.08
CA GLY A 568 -12.54 -3.65 15.00
C GLY A 568 -13.72 -3.06 15.76
N ALA A 569 -13.56 -1.88 16.36
CA ALA A 569 -14.60 -1.16 17.11
C ALA A 569 -15.79 -0.87 16.18
N ILE A 570 -15.50 -0.35 14.98
CA ILE A 570 -16.54 0.02 13.98
C ILE A 570 -17.36 -1.23 13.65
N ILE A 571 -16.71 -2.38 13.49
CA ILE A 571 -17.36 -3.70 13.21
C ILE A 571 -18.24 -4.08 14.40
N GLU A 572 -17.75 -3.90 15.65
CA GLU A 572 -18.45 -4.29 16.90
C GLU A 572 -19.75 -3.50 17.08
N GLY A 573 -19.92 -2.39 16.34
CA GLY A 573 -21.16 -1.58 16.35
C GLY A 573 -21.04 -0.36 17.24
N LYS A 574 -19.82 0.09 17.51
CA LYS A 574 -19.52 1.27 18.36
C LYS A 574 -19.67 2.54 17.52
N PHE A 575 -19.67 3.69 18.19
CA PHE A 575 -19.64 5.06 17.60
C PHE A 575 -20.95 5.31 16.84
N GLY A 576 -22.05 4.80 17.38
CA GLY A 576 -23.43 4.95 16.85
C GLY A 576 -23.82 6.40 16.59
N TYR A 577 -23.57 7.31 17.54
CA TYR A 577 -23.96 8.75 17.43
C TYR A 577 -23.08 9.44 16.37
N ILE A 578 -21.81 9.06 16.29
CA ILE A 578 -20.84 9.63 15.30
C ILE A 578 -21.24 9.15 13.90
N ILE A 579 -21.56 7.86 13.76
CA ILE A 579 -21.88 7.18 12.47
C ILE A 579 -23.25 7.65 11.98
N GLY A 580 -24.31 7.41 12.76
CA GLY A 580 -25.69 7.81 12.44
C GLY A 580 -26.39 6.77 11.59
N ASP A 581 -27.39 7.19 10.81
CA ASP A 581 -28.19 6.34 9.89
C ASP A 581 -27.40 6.11 8.60
N VAL A 582 -27.05 4.86 8.32
CA VAL A 582 -26.32 4.42 7.10
C VAL A 582 -27.21 3.46 6.32
N PRO A 583 -27.00 3.32 4.99
CA PRO A 583 -27.65 2.25 4.24
C PRO A 583 -27.49 0.92 5.00
N SER A 584 -28.58 0.19 5.19
CA SER A 584 -28.65 -0.99 6.09
C SER A 584 -29.83 -1.89 5.70
N LEU A 585 -29.65 -3.20 5.83
CA LEU A 585 -30.67 -4.20 5.45
C LEU A 585 -31.22 -4.89 6.69
N ARG A 586 -30.52 -4.81 7.81
CA ARG A 586 -30.86 -5.58 9.02
C ARG A 586 -30.33 -4.87 10.28
N ASP A 587 -30.88 -5.25 11.43
CA ASP A 587 -30.37 -4.88 12.77
C ASP A 587 -28.93 -5.35 12.85
N TRP A 588 -28.04 -4.52 13.40
CA TRP A 588 -26.60 -4.84 13.49
C TRP A 588 -26.40 -5.92 14.56
N PRO A 589 -25.88 -7.11 14.20
CA PRO A 589 -25.76 -8.21 15.15
C PRO A 589 -24.66 -7.94 16.20
N GLU A 590 -24.71 -8.64 17.35
CA GLU A 590 -23.78 -8.41 18.47
C GLU A 590 -22.40 -8.98 18.11
N GLU A 591 -22.39 -10.13 17.42
CA GLU A 591 -21.18 -10.81 16.89
C GLU A 591 -21.28 -10.88 15.36
N PRO A 592 -20.99 -9.78 14.63
CA PRO A 592 -21.18 -9.73 13.18
C PRO A 592 -20.44 -10.82 12.39
N ASP A 593 -21.01 -11.18 11.24
CA ASP A 593 -20.47 -12.17 10.27
C ASP A 593 -19.49 -11.44 9.35
N ILE A 594 -18.37 -11.02 9.93
CA ILE A 594 -17.30 -10.19 9.31
C ILE A 594 -15.96 -10.84 9.65
N VAL A 595 -15.04 -10.89 8.70
CA VAL A 595 -13.63 -11.32 8.93
C VAL A 595 -12.71 -10.35 8.18
N VAL A 596 -11.79 -9.73 8.90
CA VAL A 596 -10.77 -8.79 8.35
C VAL A 596 -9.62 -9.64 7.78
N VAL A 597 -9.35 -9.50 6.49
CA VAL A 597 -8.13 -10.07 5.86
C VAL A 597 -6.96 -9.13 6.18
N TYR A 598 -7.13 -7.84 5.95
CA TYR A 598 -6.12 -6.79 6.25
C TYR A 598 -6.79 -5.44 6.48
N ALA A 599 -6.23 -4.68 7.42
CA ALA A 599 -6.56 -3.26 7.65
C ALA A 599 -5.34 -2.57 8.29
N GLY A 600 -4.70 -1.68 7.53
CA GLY A 600 -3.49 -0.94 7.96
C GLY A 600 -3.04 0.05 6.90
N GLY A 601 -2.12 0.94 7.27
CA GLY A 601 -1.66 2.05 6.42
C GLY A 601 -2.83 2.97 6.12
N ASP A 602 -3.48 2.80 4.96
CA ASP A 602 -4.64 3.60 4.52
C ASP A 602 -5.63 2.72 3.72
N ALA A 603 -5.68 1.41 4.02
CA ALA A 603 -6.35 0.40 3.20
C ALA A 603 -6.94 -0.72 4.06
N PHE A 604 -8.01 -1.36 3.57
CA PHE A 604 -8.57 -2.58 4.18
C PHE A 604 -9.11 -3.52 3.10
N PHE A 605 -9.04 -4.81 3.39
CA PHE A 605 -9.72 -5.90 2.67
C PHE A 605 -10.51 -6.70 3.71
N ILE A 606 -11.83 -6.72 3.60
CA ILE A 606 -12.73 -7.35 4.61
C ILE A 606 -13.78 -8.19 3.86
N VAL A 607 -14.18 -9.33 4.44
CA VAL A 607 -15.20 -10.25 3.88
C VAL A 607 -16.21 -10.58 4.98
N GLY A 608 -17.40 -11.01 4.59
CA GLY A 608 -18.51 -11.33 5.50
C GLY A 608 -19.82 -11.48 4.76
N ALA A 609 -20.89 -11.82 5.49
CA ALA A 609 -22.28 -11.78 5.00
C ALA A 609 -22.45 -10.54 4.10
N TRP A 610 -22.96 -10.71 2.89
CA TRP A 610 -22.95 -9.65 1.86
C TRP A 610 -23.61 -8.40 2.42
N ASP A 611 -24.74 -8.55 3.13
CA ASP A 611 -25.59 -7.41 3.58
C ASP A 611 -24.89 -6.67 4.71
N GLN A 612 -24.05 -7.37 5.49
CA GLN A 612 -23.28 -6.78 6.62
C GLN A 612 -22.06 -6.03 6.06
N ILE A 613 -21.46 -6.55 4.98
CA ILE A 613 -20.29 -5.91 4.30
C ILE A 613 -20.78 -4.63 3.62
N PHE A 614 -21.95 -4.67 2.98
CA PHE A 614 -22.57 -3.50 2.30
C PHE A 614 -22.68 -2.35 3.30
N GLU A 615 -23.25 -2.65 4.48
CA GLU A 615 -23.47 -1.66 5.56
C GLU A 615 -22.13 -1.16 6.11
N LEU A 616 -21.15 -2.05 6.32
CA LEU A 616 -19.85 -1.73 6.98
C LEU A 616 -19.06 -0.70 6.15
N ALA A 617 -19.20 -0.71 4.83
CA ALA A 617 -18.62 0.30 3.91
C ALA A 617 -19.05 1.71 4.35
N PHE A 618 -20.33 1.91 4.62
CA PHE A 618 -20.93 3.22 4.98
C PHE A 618 -20.56 3.60 6.41
N ARG A 619 -20.58 2.64 7.33
CA ARG A 619 -20.12 2.82 8.72
C ARG A 619 -18.68 3.32 8.72
N VAL A 620 -17.80 2.61 8.01
CA VAL A 620 -16.34 2.89 7.97
C VAL A 620 -16.11 4.24 7.28
N ARG A 621 -16.85 4.55 6.21
CA ARG A 621 -16.68 5.83 5.47
C ARG A 621 -17.02 7.02 6.39
N ARG A 622 -18.06 6.89 7.22
CA ARG A 622 -18.54 7.99 8.10
C ARG A 622 -17.61 8.15 9.31
N ALA A 623 -17.23 7.04 9.96
CA ALA A 623 -16.25 7.01 11.07
C ALA A 623 -14.96 7.71 10.64
N PHE A 624 -14.52 7.45 9.40
CA PHE A 624 -13.29 8.03 8.80
C PHE A 624 -13.50 9.52 8.51
N ASN A 625 -14.70 9.90 8.09
CA ASN A 625 -15.04 11.32 7.80
C ASN A 625 -14.95 12.11 9.11
N ALA A 626 -15.47 11.55 10.20
CA ALA A 626 -15.43 12.12 11.55
C ALA A 626 -13.98 12.15 12.06
N TYR A 627 -13.21 11.08 11.82
CA TYR A 627 -11.84 10.87 12.37
C TYR A 627 -10.84 11.82 11.70
N THR A 628 -10.99 12.01 10.39
CA THR A 628 -10.37 13.14 9.64
C THR A 628 -11.29 14.31 9.95
N GLY A 629 -11.05 15.51 9.44
CA GLY A 629 -11.91 16.64 9.84
C GLY A 629 -13.06 16.84 8.86
N GLY A 630 -13.49 15.76 8.21
CA GLY A 630 -14.18 15.80 6.91
C GLY A 630 -13.26 16.35 5.83
N LYS A 631 -11.94 16.18 5.97
CA LYS A 631 -10.92 16.76 5.06
C LYS A 631 -10.24 15.66 4.21
N LEU A 632 -10.37 14.39 4.60
CA LEU A 632 -9.85 13.26 3.79
C LEU A 632 -11.02 12.33 3.45
N THR A 633 -10.91 11.61 2.33
CA THR A 633 -11.98 10.74 1.79
C THR A 633 -11.41 9.35 1.46
N LEU A 634 -12.30 8.35 1.51
CA LEU A 634 -12.08 6.94 1.08
C LEU A 634 -12.70 6.74 -0.29
N SER A 635 -12.20 5.76 -1.02
CA SER A 635 -12.94 5.06 -2.10
C SER A 635 -13.05 3.58 -1.71
N VAL A 636 -14.14 2.93 -2.11
CA VAL A 636 -14.44 1.52 -1.74
C VAL A 636 -14.94 0.77 -2.96
N GLY A 637 -14.39 -0.42 -3.20
CA GLY A 637 -14.95 -1.43 -4.13
C GLY A 637 -15.69 -2.50 -3.35
N LEU A 638 -16.96 -2.74 -3.67
CA LEU A 638 -17.80 -3.80 -3.04
C LEU A 638 -18.05 -4.91 -4.05
N GLY A 639 -18.16 -6.15 -3.56
CA GLY A 639 -18.43 -7.37 -4.36
C GLY A 639 -19.28 -8.36 -3.60
N TYR A 640 -20.31 -8.91 -4.27
CA TYR A 640 -21.23 -9.96 -3.76
C TYR A 640 -21.10 -11.19 -4.67
N PHE A 641 -20.46 -12.25 -4.16
CA PHE A 641 -20.04 -13.44 -4.94
C PHE A 641 -20.68 -14.70 -4.38
N ASP A 642 -20.96 -15.65 -5.28
CA ASP A 642 -21.09 -17.09 -4.96
C ASP A 642 -19.91 -17.48 -4.06
N GLU A 643 -20.18 -18.18 -2.97
CA GLU A 643 -19.20 -18.51 -1.89
C GLU A 643 -18.06 -19.38 -2.44
N ARG A 644 -18.26 -19.98 -3.61
CA ARG A 644 -17.30 -20.94 -4.24
C ARG A 644 -16.37 -20.21 -5.21
N THR A 645 -16.53 -18.90 -5.42
CA THR A 645 -15.64 -18.09 -6.27
C THR A 645 -14.27 -18.09 -5.62
N PRO A 646 -13.18 -18.47 -6.34
CA PRO A 646 -11.84 -18.47 -5.75
C PRO A 646 -11.37 -17.04 -5.41
N ILE A 647 -10.55 -16.93 -4.36
CA ILE A 647 -10.10 -15.64 -3.74
C ILE A 647 -9.53 -14.71 -4.82
N TYR A 648 -8.67 -15.25 -5.70
CA TYR A 648 -7.87 -14.44 -6.66
C TYR A 648 -8.83 -13.63 -7.52
N ARG A 649 -9.97 -14.22 -7.89
CA ARG A 649 -10.97 -13.59 -8.78
C ARG A 649 -11.74 -12.50 -8.01
N MET A 650 -12.15 -12.80 -6.78
CA MET A 650 -12.85 -11.86 -5.88
C MET A 650 -11.98 -10.62 -5.67
N ALA A 651 -10.71 -10.83 -5.33
CA ALA A 651 -9.69 -9.77 -5.13
C ALA A 651 -9.59 -8.90 -6.40
N ASP A 652 -9.53 -9.52 -7.58
CA ASP A 652 -9.28 -8.80 -8.86
C ASP A 652 -10.50 -7.94 -9.20
N VAL A 653 -11.72 -8.43 -8.92
CA VAL A 653 -12.98 -7.71 -9.24
C VAL A 653 -13.13 -6.51 -8.31
N VAL A 654 -13.00 -6.70 -6.99
CA VAL A 654 -13.14 -5.59 -6.00
C VAL A 654 -11.99 -4.60 -6.22
N SER A 655 -10.84 -5.06 -6.71
CA SER A 655 -9.67 -4.21 -7.09
C SER A 655 -10.01 -3.36 -8.33
N GLU A 656 -10.59 -3.98 -9.35
CA GLU A 656 -11.02 -3.29 -10.60
C GLU A 656 -12.03 -2.21 -10.22
N ARG A 657 -12.97 -2.56 -9.33
CA ARG A 657 -14.07 -1.66 -8.87
C ARG A 657 -13.51 -0.53 -7.99
N LEU A 658 -12.53 -0.82 -7.14
CA LEU A 658 -11.87 0.22 -6.33
C LEU A 658 -11.17 1.20 -7.28
N ASP A 659 -10.36 0.67 -8.20
CA ASP A 659 -9.64 1.46 -9.24
C ASP A 659 -10.65 2.34 -9.97
N THR A 660 -11.79 1.76 -10.38
CA THR A 660 -12.86 2.48 -11.11
C THR A 660 -13.37 3.64 -10.25
N ALA A 661 -13.71 3.37 -8.99
CA ALA A 661 -14.18 4.40 -8.03
C ALA A 661 -13.22 5.59 -8.04
N LYS A 662 -11.92 5.34 -8.16
CA LYS A 662 -10.86 6.40 -8.14
C LYS A 662 -10.78 7.10 -9.50
N ASP A 663 -10.89 6.37 -10.63
CA ASP A 663 -10.89 6.96 -12.00
C ASP A 663 -12.01 7.99 -12.15
N GLU A 664 -13.16 7.75 -11.52
CA GLU A 664 -14.43 8.51 -11.73
C GLU A 664 -14.53 9.69 -10.73
N GLY A 665 -13.38 10.16 -10.23
CA GLY A 665 -13.29 11.01 -9.04
C GLY A 665 -12.93 10.16 -7.85
N ARG A 666 -12.82 10.74 -6.67
CA ARG A 666 -12.54 9.97 -5.44
C ARG A 666 -13.70 10.26 -4.49
N ASN A 667 -13.65 9.82 -3.23
CA ASN A 667 -14.81 9.94 -2.30
C ASN A 667 -16.03 9.28 -2.96
N ARG A 668 -15.86 8.12 -3.59
CA ARG A 668 -17.00 7.37 -4.18
C ARG A 668 -16.86 5.88 -3.90
N VAL A 669 -17.99 5.17 -4.00
CA VAL A 669 -18.12 3.73 -3.68
C VAL A 669 -18.73 3.03 -4.90
N PHE A 670 -18.12 1.94 -5.33
CA PHE A 670 -18.70 0.97 -6.29
C PHE A 670 -19.63 0.07 -5.47
N VAL A 671 -20.93 0.36 -5.47
CA VAL A 671 -21.95 -0.31 -4.62
C VAL A 671 -22.24 -1.71 -5.18
N VAL A 672 -22.47 -1.81 -6.49
CA VAL A 672 -22.88 -3.07 -7.18
C VAL A 672 -22.60 -2.93 -8.68
N GLY A 673 -22.38 -4.05 -9.38
CA GLY A 673 -22.22 -4.11 -10.85
C GLY A 673 -23.46 -3.57 -11.53
N ARG A 674 -23.29 -2.80 -12.62
CA ARG A 674 -24.39 -2.05 -13.28
C ARG A 674 -24.13 -1.90 -14.77
N SER A 675 -25.18 -2.05 -15.58
CA SER A 675 -25.20 -1.68 -17.02
C SER A 675 -25.14 -0.15 -17.13
N ARG A 676 -24.66 0.37 -18.26
CA ARG A 676 -24.63 1.84 -18.52
C ARG A 676 -24.31 2.15 -19.98
N PRO A 677 -24.75 3.31 -20.50
CA PRO A 677 -24.24 3.83 -21.76
C PRO A 677 -22.71 3.99 -21.68
N LEU A 678 -21.99 3.58 -22.73
CA LEU A 678 -20.54 3.83 -22.90
C LEU A 678 -20.35 5.12 -23.71
N ASP A 679 -20.96 6.21 -23.25
CA ASP A 679 -20.91 7.55 -23.90
C ASP A 679 -20.03 8.49 -23.05
N GLY A 680 -19.33 7.95 -22.05
CA GLY A 680 -18.40 8.70 -21.18
C GLY A 680 -19.09 9.74 -20.30
N LYS A 681 -20.43 9.69 -20.17
CA LYS A 681 -21.25 10.58 -19.31
C LYS A 681 -21.74 9.83 -18.06
N HIS A 682 -21.58 8.50 -18.04
CA HIS A 682 -22.24 7.59 -17.06
C HIS A 682 -21.19 6.85 -16.23
N LYS A 683 -21.00 7.28 -14.98
CA LYS A 683 -20.07 6.65 -13.99
C LYS A 683 -20.78 5.43 -13.36
N LEU A 684 -20.02 4.36 -13.09
CA LEU A 684 -20.52 3.14 -12.39
C LEU A 684 -20.55 3.39 -10.88
N SER A 685 -19.51 4.02 -10.33
CA SER A 685 -19.38 4.46 -8.91
C SER A 685 -20.51 5.43 -8.56
N TYR A 686 -20.78 5.58 -7.25
CA TYR A 686 -21.57 6.69 -6.67
C TYR A 686 -20.69 7.52 -5.74
N GLU A 687 -20.87 8.85 -5.71
CA GLU A 687 -20.42 9.71 -4.59
C GLU A 687 -21.11 9.22 -3.33
N TRP A 688 -20.38 9.05 -2.23
CA TRP A 688 -20.92 8.49 -0.95
C TRP A 688 -22.24 9.18 -0.63
N ASN A 689 -22.29 10.52 -0.68
CA ASN A 689 -23.47 11.32 -0.26
C ASN A 689 -24.64 11.05 -1.20
N HIS A 690 -24.39 11.06 -2.52
CA HIS A 690 -25.40 10.76 -3.56
C HIS A 690 -26.05 9.39 -3.27
N TYR A 691 -25.28 8.32 -3.01
CA TYR A 691 -25.87 7.00 -2.69
C TYR A 691 -26.62 7.06 -1.35
N GLU A 692 -26.09 7.78 -0.36
CA GLU A 692 -26.70 7.82 0.99
C GLU A 692 -28.05 8.55 0.90
N GLU A 693 -28.15 9.58 0.07
CA GLU A 693 -29.41 10.34 -0.20
C GLU A 693 -30.40 9.41 -0.92
N LEU A 694 -29.95 8.77 -2.00
CA LEU A 694 -30.78 7.82 -2.81
C LEU A 694 -31.40 6.79 -1.87
N TRP A 695 -30.61 6.26 -0.94
CA TRP A 695 -31.05 5.17 -0.02
C TRP A 695 -32.10 5.70 0.96
N ARG A 696 -31.89 6.88 1.54
CA ARG A 696 -32.87 7.58 2.43
C ARG A 696 -34.20 7.79 1.68
N THR A 697 -34.12 8.15 0.40
CA THR A 697 -35.28 8.53 -0.45
C THR A 697 -36.14 7.29 -0.73
N TYR A 698 -35.56 6.21 -1.27
CA TYR A 698 -36.28 5.08 -1.92
C TYR A 698 -36.45 3.88 -0.97
N ALA A 699 -35.41 3.50 -0.23
CA ALA A 699 -35.42 2.27 0.62
C ALA A 699 -36.63 2.25 1.54
N PRO A 700 -36.91 3.28 2.38
CA PRO A 700 -38.03 3.23 3.33
C PRO A 700 -39.40 3.04 2.66
N ARG A 701 -39.56 3.48 1.41
CA ARG A 701 -40.85 3.39 0.65
C ARG A 701 -41.11 1.95 0.21
N ILE A 702 -40.07 1.12 0.10
CA ILE A 702 -40.19 -0.24 -0.51
C ILE A 702 -39.74 -1.35 0.45
N TYR A 703 -38.95 -1.02 1.49
CA TYR A 703 -38.24 -2.00 2.35
C TYR A 703 -38.58 -1.78 3.83
N ALA A 704 -39.16 -2.80 4.47
CA ALA A 704 -39.58 -2.78 5.88
C ALA A 704 -38.37 -3.07 6.80
N GLY A 705 -37.42 -3.88 6.35
CA GLY A 705 -36.20 -4.24 7.10
C GLY A 705 -36.05 -5.74 7.28
N ASN A 706 -34.88 -6.17 7.75
CA ASN A 706 -34.58 -7.57 8.15
C ASN A 706 -35.18 -8.57 7.16
N GLY A 707 -34.93 -8.37 5.86
CA GLY A 707 -35.22 -9.33 4.79
C GLY A 707 -36.65 -9.21 4.27
N ARG A 708 -37.34 -8.13 4.60
CA ARG A 708 -38.82 -8.01 4.37
C ARG A 708 -39.12 -6.72 3.59
N LEU A 709 -39.85 -6.89 2.50
CA LEU A 709 -40.45 -5.78 1.70
C LEU A 709 -41.55 -5.13 2.54
N LYS A 710 -42.01 -3.95 2.15
CA LYS A 710 -43.24 -3.31 2.71
C LYS A 710 -44.45 -4.16 2.29
N GLY A 711 -45.47 -4.23 3.16
CA GLY A 711 -46.74 -4.94 2.92
C GLY A 711 -47.41 -4.53 1.61
N LYS A 712 -47.37 -3.25 1.28
CA LYS A 712 -48.03 -2.76 0.04
C LYS A 712 -47.41 -3.46 -1.15
N LEU A 713 -46.10 -3.68 -1.11
CA LEU A 713 -45.36 -4.26 -2.25
C LEU A 713 -45.32 -5.79 -2.23
N GLU A 714 -45.96 -6.44 -1.27
CA GLU A 714 -45.87 -7.92 -1.25
C GLU A 714 -46.45 -8.49 -2.54
N SER A 715 -47.57 -7.98 -3.03
CA SER A 715 -48.10 -8.54 -4.29
C SER A 715 -47.57 -7.78 -5.50
N LYS A 716 -46.90 -6.66 -5.26
CA LYS A 716 -46.46 -5.73 -6.32
C LYS A 716 -44.94 -5.73 -6.44
N LYS A 717 -44.31 -6.86 -6.15
CA LYS A 717 -42.83 -6.95 -6.23
C LYS A 717 -42.37 -6.68 -7.67
N GLY A 718 -43.12 -7.13 -8.67
CA GLY A 718 -42.76 -6.94 -10.09
C GLY A 718 -42.57 -5.49 -10.47
N LEU A 719 -43.22 -4.54 -9.78
CA LEU A 719 -43.04 -3.12 -10.13
C LEU A 719 -41.55 -2.79 -10.01
N LEU A 720 -40.90 -3.33 -8.99
CA LEU A 720 -39.45 -3.05 -8.77
C LEU A 720 -38.66 -3.61 -9.96
N TRP A 721 -39.04 -4.79 -10.46
CA TRP A 721 -38.36 -5.45 -11.61
C TRP A 721 -38.63 -4.66 -12.90
N LYS A 722 -39.81 -4.06 -13.04
CA LYS A 722 -40.21 -3.31 -14.27
C LYS A 722 -39.41 -2.00 -14.35
N LEU A 723 -39.11 -1.38 -13.22
CA LEU A 723 -38.23 -0.17 -13.15
C LEU A 723 -36.85 -0.52 -13.70
N LEU A 724 -36.30 -1.67 -13.30
CA LEU A 724 -34.95 -2.11 -13.74
C LEU A 724 -34.97 -2.42 -15.24
N GLU A 725 -36.13 -2.82 -15.78
CA GLU A 725 -36.33 -3.06 -17.24
C GLU A 725 -36.41 -1.70 -17.94
N ILE A 726 -37.22 -0.77 -17.41
CA ILE A 726 -37.31 0.65 -17.88
C ILE A 726 -35.92 1.27 -17.92
N ARG A 727 -35.09 1.00 -16.90
CA ARG A 727 -33.73 1.58 -16.77
C ARG A 727 -32.82 1.00 -17.85
N GLU A 728 -33.06 -0.25 -18.27
CA GLU A 728 -32.25 -0.92 -19.34
C GLU A 728 -32.54 -0.26 -20.69
N LEU A 729 -33.75 0.24 -20.92
CA LEU A 729 -34.14 0.97 -22.16
C LEU A 729 -33.52 2.37 -22.16
N TYR A 730 -33.26 2.94 -20.98
CA TYR A 730 -32.46 4.18 -20.82
C TYR A 730 -30.98 3.88 -21.13
N VAL A 731 -30.51 2.68 -20.78
CA VAL A 731 -29.11 2.21 -21.02
C VAL A 731 -28.93 1.86 -22.51
N ARG A 732 -29.93 1.23 -23.15
CA ARG A 732 -29.94 0.92 -24.61
C ARG A 732 -29.62 2.20 -25.39
N ASP A 733 -30.27 3.30 -25.01
CA ASP A 733 -30.08 4.65 -25.63
C ASP A 733 -30.69 5.71 -24.72
N PRO A 734 -29.85 6.47 -23.95
CA PRO A 734 -30.36 7.49 -23.03
C PRO A 734 -30.92 8.76 -23.69
N ASN A 735 -30.99 8.80 -25.03
CA ASN A 735 -31.53 9.95 -25.82
C ASN A 735 -32.98 9.67 -26.26
N ASP A 736 -33.32 8.39 -26.50
CA ASP A 736 -34.68 7.94 -26.92
C ASP A 736 -35.65 8.08 -25.74
N VAL A 737 -36.82 8.67 -26.01
CA VAL A 737 -37.78 9.19 -24.99
C VAL A 737 -38.90 8.18 -24.77
N ARG A 738 -38.58 6.88 -24.78
CA ARG A 738 -39.56 5.77 -24.61
C ARG A 738 -39.80 5.50 -23.12
N TRP A 739 -38.74 5.60 -22.29
CA TRP A 739 -38.80 5.37 -20.81
C TRP A 739 -39.73 6.40 -20.14
N ALA A 740 -40.00 7.53 -20.81
CA ALA A 740 -41.00 8.55 -20.39
C ALA A 740 -42.42 7.99 -20.60
N TYR A 741 -42.75 7.60 -21.84
CA TYR A 741 -44.05 7.03 -22.27
C TYR A 741 -44.46 5.90 -21.30
N LEU A 742 -43.51 5.03 -20.94
CA LEU A 742 -43.75 3.80 -20.14
C LEU A 742 -44.25 4.19 -18.73
N THR A 743 -43.54 5.10 -18.05
CA THR A 743 -43.91 5.63 -16.71
C THR A 743 -45.20 6.46 -16.82
N LEU A 752 -48.86 1.85 -7.27
CA LEU A 752 -49.18 3.30 -7.41
C LEU A 752 -47.97 4.03 -8.01
N SER A 753 -48.14 4.72 -9.14
CA SER A 753 -47.06 5.48 -9.85
C SER A 753 -46.69 6.75 -9.06
N ASP A 754 -47.28 6.93 -7.88
CA ASP A 754 -46.91 7.96 -6.86
C ASP A 754 -45.88 7.36 -5.88
N LEU A 755 -45.33 6.18 -6.20
CA LEU A 755 -44.27 5.48 -5.42
C LEU A 755 -42.89 6.06 -5.81
N PHE A 756 -42.71 6.41 -7.08
CA PHE A 756 -41.44 6.96 -7.64
C PHE A 756 -41.74 8.19 -8.50
N PRO A 757 -42.09 9.35 -7.90
CA PRO A 757 -42.37 10.58 -8.67
C PRO A 757 -41.15 11.19 -9.37
N GLU A 758 -39.96 11.03 -8.78
CA GLU A 758 -38.70 11.66 -9.27
C GLU A 758 -38.27 11.02 -10.59
N LEU A 759 -38.82 9.85 -10.93
CA LEU A 759 -38.39 9.04 -12.10
C LEU A 759 -39.37 9.18 -13.28
N VAL A 760 -40.56 9.77 -13.07
CA VAL A 760 -41.63 9.83 -14.11
C VAL A 760 -41.26 10.87 -15.16
N GLY A 761 -40.97 12.10 -14.75
CA GLY A 761 -40.67 13.23 -15.65
C GLY A 761 -39.36 13.03 -16.40
N ILE A 762 -39.05 13.96 -17.32
CA ILE A 762 -37.75 14.04 -18.04
C ILE A 762 -36.95 15.21 -17.45
N ASP A 763 -36.19 14.96 -16.38
CA ASP A 763 -35.36 15.95 -15.65
C ASP A 763 -34.51 16.74 -16.66
N THR A 764 -34.62 18.08 -16.64
CA THR A 764 -34.05 19.00 -17.67
C THR A 764 -32.76 19.65 -17.15
N LYS A 765 -32.68 19.96 -15.85
CA LYS A 765 -31.45 20.48 -15.20
C LYS A 765 -30.28 19.52 -15.48
N ALA A 766 -30.58 18.21 -15.50
CA ALA A 766 -29.63 17.12 -15.83
C ALA A 766 -29.16 17.25 -17.28
N VAL A 767 -30.10 17.40 -18.23
CA VAL A 767 -29.84 17.43 -19.70
C VAL A 767 -28.83 18.55 -19.99
N GLU A 768 -29.08 19.75 -19.45
CA GLU A 768 -28.22 20.95 -19.61
C GLU A 768 -26.85 20.70 -18.96
N ARG A 769 -26.84 20.29 -17.68
CA ARG A 769 -25.62 20.00 -16.88
C ARG A 769 -24.78 18.89 -17.53
N LYS A 770 -25.33 18.18 -18.52
CA LYS A 770 -24.66 17.06 -19.25
C LYS A 770 -24.46 15.90 -18.26
N GLU A 771 -25.54 15.50 -17.56
CA GLU A 771 -25.51 14.47 -16.48
C GLU A 771 -26.64 13.46 -16.68
N PRO A 772 -26.52 12.25 -16.08
CA PRO A 772 -27.54 11.21 -16.23
C PRO A 772 -28.91 11.57 -15.61
N GLN A 773 -29.96 10.88 -16.10
CA GLN A 773 -31.36 10.99 -15.63
C GLN A 773 -31.52 10.19 -14.33
N PRO A 774 -32.34 10.68 -13.36
CA PRO A 774 -32.47 10.01 -12.05
C PRO A 774 -32.66 8.50 -12.14
N VAL A 775 -33.35 8.05 -13.19
CA VAL A 775 -33.66 6.62 -13.49
C VAL A 775 -32.36 5.81 -13.56
N TYR A 776 -31.30 6.41 -14.10
CA TYR A 776 -29.96 5.77 -14.22
C TYR A 776 -29.48 5.27 -12.84
N TRP A 777 -29.74 6.04 -11.78
CA TRP A 777 -29.12 5.87 -10.45
C TRP A 777 -29.88 4.85 -9.59
N VAL A 778 -31.15 4.60 -9.88
CA VAL A 778 -32.09 3.90 -8.95
C VAL A 778 -31.66 2.43 -8.79
N ASP A 779 -31.04 1.83 -9.80
CA ASP A 779 -30.66 0.39 -9.76
C ASP A 779 -29.83 0.10 -8.50
N GLY A 780 -28.96 1.04 -8.12
CA GLY A 780 -28.05 0.90 -6.96
C GLY A 780 -28.80 0.59 -5.68
N VAL A 781 -30.04 1.07 -5.54
CA VAL A 781 -30.91 0.82 -4.35
C VAL A 781 -31.75 -0.44 -4.58
N LEU A 782 -32.44 -0.53 -5.72
CA LEU A 782 -33.41 -1.62 -6.03
C LEU A 782 -32.69 -2.97 -6.07
N LYS A 783 -31.54 -3.07 -6.74
CA LYS A 783 -30.79 -4.35 -6.88
C LYS A 783 -30.41 -4.86 -5.48
N ILE A 784 -30.07 -3.98 -4.55
CA ILE A 784 -29.66 -4.33 -3.16
C ILE A 784 -30.90 -4.81 -2.40
N VAL A 785 -32.02 -4.09 -2.51
CA VAL A 785 -33.30 -4.47 -1.82
C VAL A 785 -33.76 -5.85 -2.32
N LEU A 786 -33.63 -6.13 -3.62
CA LEU A 786 -34.10 -7.41 -4.23
C LEU A 786 -33.23 -8.58 -3.74
N MET A 787 -31.93 -8.37 -3.55
CA MET A 787 -31.01 -9.41 -3.01
C MET A 787 -31.41 -9.75 -1.56
N ALA A 788 -31.82 -8.75 -0.79
CA ALA A 788 -32.22 -8.85 0.64
C ALA A 788 -33.53 -9.61 0.81
N VAL A 789 -34.44 -9.54 -0.17
CA VAL A 789 -35.86 -9.97 -0.06
C VAL A 789 -36.08 -11.35 -0.73
N ARG A 790 -35.11 -11.89 -1.47
CA ARG A 790 -35.28 -13.10 -2.32
C ARG A 790 -35.53 -14.35 -1.45
N PRO B 2 13.60 1.90 -37.98
CA PRO B 2 13.76 0.98 -39.14
C PRO B 2 12.40 0.49 -39.63
N LYS B 3 12.37 -0.15 -40.81
CA LYS B 3 11.14 -0.74 -41.40
C LYS B 3 11.15 -2.25 -41.10
N PHE B 4 9.96 -2.83 -40.91
CA PHE B 4 9.74 -4.23 -40.48
C PHE B 4 8.55 -4.80 -41.24
N ILE B 5 8.46 -6.13 -41.31
CA ILE B 5 7.23 -6.83 -41.78
C ILE B 5 6.33 -6.99 -40.55
N ALA B 6 5.12 -6.46 -40.62
CA ALA B 6 4.03 -6.67 -39.63
C ALA B 6 3.21 -7.88 -40.08
N VAL B 7 3.24 -8.97 -39.31
CA VAL B 7 2.41 -10.17 -39.55
C VAL B 7 1.10 -9.96 -38.78
N LYS B 8 0.03 -9.58 -39.48
CA LYS B 8 -1.32 -9.35 -38.90
C LYS B 8 -2.07 -10.69 -38.79
N LEU B 9 -2.40 -11.09 -37.57
CA LEU B 9 -3.32 -12.22 -37.28
C LEU B 9 -4.74 -11.65 -37.20
N ILE B 10 -5.54 -11.83 -38.26
CA ILE B 10 -6.99 -11.51 -38.29
C ILE B 10 -7.75 -12.67 -37.63
N PRO B 11 -8.35 -12.46 -36.44
CA PRO B 11 -8.92 -13.56 -35.67
C PRO B 11 -10.31 -14.01 -36.18
N LYS B 12 -10.46 -15.33 -36.34
CA LYS B 12 -11.74 -16.02 -36.64
C LYS B 12 -12.28 -16.57 -35.31
N GLY B 13 -12.71 -15.68 -34.41
CA GLY B 13 -13.21 -16.01 -33.06
C GLY B 13 -12.22 -15.65 -31.96
N PRO B 14 -12.54 -15.91 -30.67
CA PRO B 14 -11.71 -15.45 -29.56
C PRO B 14 -10.36 -16.17 -29.43
N PHE B 15 -9.45 -15.59 -28.63
CA PHE B 15 -8.07 -16.10 -28.39
C PHE B 15 -7.85 -16.29 -26.89
N ARG B 16 -7.13 -17.36 -26.53
CA ARG B 16 -6.82 -17.64 -25.11
C ARG B 16 -5.92 -16.56 -24.53
N ASP B 17 -4.93 -16.10 -25.30
CA ASP B 17 -3.99 -15.09 -24.77
C ASP B 17 -3.33 -14.34 -25.92
N ILE B 18 -2.64 -13.25 -25.62
CA ILE B 18 -1.88 -12.54 -26.69
C ILE B 18 -0.48 -13.16 -26.62
N PRO B 19 -0.04 -13.92 -27.64
CA PRO B 19 1.22 -14.63 -27.57
C PRO B 19 2.48 -13.77 -27.53
N ARG B 20 3.44 -14.19 -26.71
CA ARG B 20 4.75 -13.50 -26.64
C ARG B 20 5.77 -14.29 -27.47
N ALA B 21 6.95 -13.71 -27.67
CA ALA B 21 7.94 -14.12 -28.69
C ALA B 21 8.32 -15.59 -28.51
N ASP B 22 8.48 -16.07 -27.26
CA ASP B 22 8.83 -17.48 -26.95
C ASP B 22 7.72 -18.40 -27.50
N THR B 23 6.46 -18.15 -27.17
CA THR B 23 5.33 -18.99 -27.64
C THR B 23 5.23 -18.90 -29.18
N LEU B 24 5.41 -17.71 -29.77
CA LEU B 24 5.35 -17.52 -31.24
C LEU B 24 6.45 -18.32 -31.94
N PHE B 25 7.70 -18.22 -31.45
CA PHE B 25 8.83 -18.98 -32.05
C PHE B 25 8.57 -20.48 -31.92
N GLY B 26 8.07 -20.93 -30.76
CA GLY B 26 7.64 -22.32 -30.53
C GLY B 26 6.69 -22.79 -31.62
N ALA B 27 5.51 -22.18 -31.71
CA ALA B 27 4.46 -22.46 -32.72
C ALA B 27 5.11 -22.54 -34.12
N ILE B 28 5.98 -21.59 -34.46
CA ILE B 28 6.59 -21.46 -35.82
C ILE B 28 7.57 -22.63 -36.05
N GLY B 29 8.42 -22.93 -35.07
CA GLY B 29 9.37 -24.06 -35.10
C GLY B 29 8.64 -25.39 -35.26
N ASN B 30 7.52 -25.57 -34.55
CA ASN B 30 6.64 -26.76 -34.62
C ASN B 30 6.08 -26.91 -36.03
N ALA B 31 5.50 -25.84 -36.57
CA ALA B 31 4.88 -25.79 -37.92
C ALA B 31 5.92 -26.18 -38.98
N ILE B 32 7.13 -25.62 -38.89
CA ILE B 32 8.24 -25.87 -39.86
C ILE B 32 8.69 -27.33 -39.77
N SER B 33 8.57 -27.96 -38.60
CA SER B 33 8.93 -29.39 -38.37
C SER B 33 7.91 -30.28 -39.07
N ALA B 34 6.64 -29.86 -39.08
CA ALA B 34 5.49 -30.57 -39.70
C ALA B 34 5.51 -30.41 -41.23
N ILE B 35 6.28 -29.46 -41.78
CA ILE B 35 6.29 -29.13 -43.24
C ILE B 35 7.62 -29.55 -43.89
N HIS B 36 8.77 -29.21 -43.30
CA HIS B 36 10.11 -29.36 -43.96
C HIS B 36 11.08 -30.22 -43.12
N GLY B 37 10.63 -30.79 -41.99
CA GLY B 37 11.51 -31.58 -41.09
C GLY B 37 12.50 -30.70 -40.33
N GLN B 38 13.31 -31.29 -39.46
CA GLN B 38 14.11 -30.56 -38.44
C GLN B 38 15.30 -29.85 -39.12
N SER B 39 15.75 -30.33 -40.27
CA SER B 39 16.77 -29.66 -41.13
C SER B 39 16.40 -28.19 -41.32
N ALA B 40 15.12 -27.91 -41.56
CA ALA B 40 14.57 -26.55 -41.75
C ALA B 40 14.52 -25.82 -40.40
N VAL B 41 14.18 -26.54 -39.32
CA VAL B 41 14.14 -25.96 -37.94
C VAL B 41 15.54 -25.41 -37.62
N GLU B 42 16.58 -26.18 -37.95
CA GLU B 42 18.01 -25.85 -37.68
C GLU B 42 18.40 -24.59 -38.47
N GLU B 43 17.91 -24.46 -39.70
CA GLU B 43 18.17 -23.30 -40.59
C GLU B 43 17.44 -22.07 -40.02
N LEU B 44 16.25 -22.26 -39.46
CA LEU B 44 15.47 -21.19 -38.77
C LEU B 44 16.30 -20.63 -37.60
N VAL B 45 16.72 -21.50 -36.68
CA VAL B 45 17.53 -21.14 -35.48
C VAL B 45 18.78 -20.40 -35.95
N ASP B 46 19.48 -20.94 -36.96
CA ASP B 46 20.69 -20.33 -37.57
C ASP B 46 20.37 -18.90 -38.03
N ALA B 47 19.25 -18.70 -38.72
CA ALA B 47 18.84 -17.37 -39.25
C ALA B 47 18.66 -16.39 -38.08
N PHE B 48 18.05 -16.86 -36.98
CA PHE B 48 17.71 -16.04 -35.79
C PHE B 48 18.99 -15.74 -35.01
N VAL B 49 19.79 -16.77 -34.69
CA VAL B 49 21.12 -16.61 -34.04
C VAL B 49 21.95 -15.62 -34.88
N GLY B 50 21.76 -15.63 -36.20
CA GLY B 50 22.52 -14.83 -37.18
C GLY B 50 22.04 -13.38 -37.31
N GLY B 51 20.94 -12.99 -36.67
CA GLY B 51 20.54 -11.56 -36.65
C GLY B 51 19.06 -11.32 -36.83
N ALA B 52 18.35 -12.28 -37.45
CA ALA B 52 16.88 -12.24 -37.64
C ALA B 52 16.21 -12.23 -36.26
N ARG B 53 15.09 -11.49 -36.12
CA ARG B 53 14.34 -11.35 -34.85
C ARG B 53 12.83 -11.33 -35.14
N ILE B 54 12.01 -11.78 -34.19
CA ILE B 54 10.54 -11.52 -34.15
C ILE B 54 10.16 -10.88 -32.81
N SER B 55 9.19 -9.97 -32.83
CA SER B 55 8.61 -9.35 -31.61
C SER B 55 7.62 -10.33 -30.97
N SER B 56 7.19 -10.01 -29.75
CA SER B 56 5.93 -10.55 -29.16
C SER B 56 4.76 -9.98 -29.96
N ALA B 57 3.57 -10.53 -29.77
CA ALA B 57 2.33 -10.07 -30.44
C ALA B 57 1.74 -8.90 -29.66
N PHE B 58 1.23 -7.91 -30.39
CA PHE B 58 0.63 -6.68 -29.85
C PHE B 58 -0.75 -6.51 -30.49
N PRO B 59 -1.71 -5.84 -29.81
CA PRO B 59 -2.99 -5.54 -30.41
C PRO B 59 -2.88 -4.50 -31.55
N TYR B 60 -3.78 -4.60 -32.53
CA TYR B 60 -4.07 -3.52 -33.50
C TYR B 60 -5.59 -3.31 -33.54
N SER B 61 -6.01 -2.10 -33.87
CA SER B 61 -7.41 -1.68 -34.11
C SER B 61 -7.45 -0.87 -35.41
N GLY B 62 -8.10 -1.39 -36.45
CA GLY B 62 -8.14 -0.76 -37.79
C GLY B 62 -6.74 -0.42 -38.25
N ASP B 63 -6.44 0.86 -38.46
CA ASP B 63 -5.11 1.32 -38.97
C ASP B 63 -4.19 1.70 -37.79
N THR B 64 -4.56 1.35 -36.56
CA THR B 64 -3.80 1.68 -35.33
C THR B 64 -3.01 0.45 -34.85
N TYR B 65 -1.69 0.48 -34.99
CA TYR B 65 -0.73 -0.46 -34.38
C TYR B 65 -0.37 0.03 -32.97
N TYR B 66 -0.56 -0.82 -31.96
CA TYR B 66 -0.11 -0.57 -30.56
C TYR B 66 1.22 -1.29 -30.34
N LEU B 67 2.13 -0.66 -29.58
CA LEU B 67 3.43 -1.22 -29.13
C LEU B 67 3.52 -1.11 -27.61
N PRO B 68 4.42 -1.86 -26.94
CA PRO B 68 4.50 -1.83 -25.49
C PRO B 68 5.16 -0.54 -24.99
N LYS B 69 4.64 -0.02 -23.87
CA LYS B 69 5.16 1.17 -23.16
C LYS B 69 6.58 0.87 -22.70
N PRO B 70 7.61 1.61 -23.17
CA PRO B 70 8.97 1.39 -22.70
C PRO B 70 9.07 1.80 -21.22
N LEU B 71 9.67 0.94 -20.41
CA LEU B 71 9.81 1.14 -18.94
C LEU B 71 10.70 2.36 -18.68
N SER B 72 11.38 2.87 -19.71
CA SER B 72 12.27 4.06 -19.66
C SER B 72 11.51 5.27 -19.12
N VAL B 73 10.22 5.40 -19.43
CA VAL B 73 9.42 6.64 -19.16
C VAL B 73 8.76 6.56 -17.77
N GLU B 74 8.82 5.41 -17.08
CA GLU B 74 8.20 5.24 -15.73
C GLU B 74 8.88 6.21 -14.75
N PRO B 75 10.23 6.23 -14.66
CA PRO B 75 10.94 7.12 -13.73
C PRO B 75 11.18 8.54 -14.26
N ALA B 76 10.67 8.87 -15.45
CA ALA B 76 10.92 10.16 -16.15
C ALA B 76 9.68 11.06 -16.08
N LEU B 77 8.53 10.55 -15.63
CA LEU B 77 7.18 11.14 -15.90
C LEU B 77 7.11 12.63 -15.52
N GLU B 78 7.93 13.10 -14.55
CA GLU B 78 7.93 14.51 -14.08
C GLU B 78 8.47 15.45 -15.17
N GLY B 79 9.38 14.98 -16.02
CA GLY B 79 9.94 15.74 -17.16
C GLY B 79 8.87 16.29 -18.07
N ASP B 85 0.03 21.53 -12.97
CA ASP B 85 -0.86 21.36 -11.78
C ASP B 85 -0.27 20.27 -10.88
N GLU B 86 -0.63 20.27 -9.59
CA GLU B 86 -0.18 19.27 -8.58
C GLU B 86 -1.07 18.03 -8.68
N GLU B 87 -2.38 18.18 -8.49
CA GLU B 87 -3.38 17.07 -8.41
C GLU B 87 -3.51 16.37 -9.78
N GLU B 88 -3.46 17.12 -10.88
CA GLU B 88 -3.60 16.59 -12.27
C GLU B 88 -2.40 15.68 -12.60
N ARG B 89 -1.20 16.06 -12.17
CA ARG B 89 0.08 15.42 -12.61
C ARG B 89 0.21 14.05 -11.94
N TYR B 90 -0.10 13.93 -10.64
CA TYR B 90 -0.03 12.66 -9.87
C TYR B 90 -1.10 11.69 -10.38
N THR B 91 -2.24 12.22 -10.87
CA THR B 91 -3.42 11.43 -11.33
C THR B 91 -3.16 10.84 -12.72
N THR B 92 -2.68 11.65 -13.67
CA THR B 92 -2.27 11.19 -15.02
C THR B 92 -1.10 10.19 -14.86
N ALA B 93 -0.09 10.57 -14.07
CA ALA B 93 1.16 9.79 -13.83
C ALA B 93 0.85 8.37 -13.34
N LYS B 94 -0.22 8.20 -12.55
CA LYS B 94 -0.68 6.87 -12.05
C LYS B 94 -1.27 6.05 -13.21
N ARG B 95 -1.94 6.71 -14.18
CA ARG B 95 -2.61 6.06 -15.34
C ARG B 95 -1.62 5.81 -16.49
N LEU B 96 -0.58 6.65 -16.62
CA LEU B 96 0.54 6.40 -17.55
C LEU B 96 1.31 5.18 -17.02
N ARG B 97 1.49 5.12 -15.70
CA ARG B 97 2.24 4.05 -14.99
C ARG B 97 1.52 2.71 -15.14
N LYS B 98 0.20 2.72 -15.31
CA LYS B 98 -0.66 1.50 -15.41
C LYS B 98 -0.80 1.06 -16.89
N ALA B 99 -0.66 1.99 -17.84
CA ALA B 99 -0.78 1.73 -19.29
C ALA B 99 0.25 0.68 -19.72
N LYS B 100 -0.20 -0.32 -20.48
CA LYS B 100 0.64 -1.43 -21.00
C LYS B 100 1.09 -1.10 -22.44
N TYR B 101 0.28 -0.31 -23.15
CA TYR B 101 0.40 -0.08 -24.61
C TYR B 101 0.29 1.41 -24.94
N LEU B 102 1.06 1.84 -25.93
CA LEU B 102 0.94 3.15 -26.62
C LEU B 102 0.71 2.87 -28.11
N ASP B 103 0.00 3.75 -28.82
CA ASP B 103 -0.07 3.73 -30.30
C ASP B 103 1.33 4.02 -30.86
N LEU B 104 1.57 3.75 -32.13
CA LEU B 104 2.90 3.90 -32.78
C LEU B 104 3.43 5.33 -32.54
N LYS B 105 2.63 6.35 -32.87
CA LYS B 105 3.00 7.79 -32.80
C LYS B 105 3.49 8.13 -31.38
N ASN B 106 2.73 7.72 -30.36
CA ASN B 106 3.01 8.03 -28.92
C ASN B 106 4.17 7.16 -28.41
N PHE B 107 4.42 6.01 -29.04
CA PHE B 107 5.57 5.13 -28.71
C PHE B 107 6.88 5.81 -29.14
N GLU B 108 6.91 6.34 -30.37
CA GLU B 108 8.10 7.01 -30.99
C GLU B 108 8.49 8.25 -30.19
N LEU B 109 7.51 8.93 -29.59
CA LEU B 109 7.70 10.11 -28.70
C LEU B 109 8.27 9.65 -27.34
N ALA B 110 7.72 8.59 -26.76
CA ALA B 110 8.18 8.01 -25.48
C ALA B 110 9.64 7.57 -25.60
N LEU B 111 10.05 7.02 -26.75
CA LEU B 111 11.46 6.61 -27.01
C LEU B 111 12.39 7.82 -26.84
N ARG B 112 11.89 9.03 -27.12
CA ARG B 112 12.67 10.31 -27.12
C ARG B 112 12.41 11.14 -25.87
N LEU B 113 11.65 10.62 -24.90
CA LEU B 113 11.28 11.27 -23.61
C LEU B 113 10.57 12.59 -23.89
N ARG B 114 9.90 12.72 -25.04
CA ARG B 114 9.03 13.87 -25.35
C ARG B 114 7.65 13.56 -24.77
N PRO B 115 6.81 14.58 -24.48
CA PRO B 115 5.49 14.33 -23.94
C PRO B 115 4.67 13.51 -24.94
N PHE B 116 3.83 12.61 -24.44
CA PHE B 116 3.01 11.66 -25.22
C PHE B 116 1.73 11.36 -24.45
N THR B 117 0.68 10.93 -25.16
CA THR B 117 -0.64 10.58 -24.55
C THR B 117 -0.84 9.06 -24.65
N ILE B 118 -1.88 8.56 -23.98
CA ILE B 118 -2.20 7.10 -23.85
C ILE B 118 -3.41 6.80 -24.72
N PRO B 119 -3.55 5.57 -25.26
CA PRO B 119 -4.84 5.15 -25.84
C PRO B 119 -5.93 5.18 -24.77
N GLU B 120 -7.09 5.76 -25.11
CA GLU B 120 -8.24 5.94 -24.19
C GLU B 120 -8.90 4.59 -23.94
N GLU B 121 -9.17 3.82 -25.00
CA GLU B 121 -9.74 2.45 -24.94
C GLU B 121 -8.84 1.51 -25.75
N ILE B 122 -8.58 0.32 -25.22
CA ILE B 122 -7.68 -0.72 -25.82
C ILE B 122 -8.54 -1.69 -26.62
N PRO B 123 -8.08 -2.20 -27.79
CA PRO B 123 -8.96 -2.91 -28.73
C PRO B 123 -9.31 -4.37 -28.37
N TYR B 124 -9.02 -4.79 -27.14
CA TYR B 124 -9.36 -6.15 -26.62
C TYR B 124 -9.83 -6.04 -25.18
N ALA B 125 -10.77 -6.91 -24.79
CA ALA B 125 -11.26 -7.10 -23.41
C ALA B 125 -10.91 -8.52 -22.97
N ARG B 126 -10.34 -8.67 -21.77
CA ARG B 126 -10.21 -9.97 -21.07
C ARG B 126 -11.56 -10.28 -20.42
N VAL B 127 -12.33 -11.18 -21.02
CA VAL B 127 -13.52 -11.84 -20.42
C VAL B 127 -13.07 -13.21 -19.91
N ASP B 128 -13.04 -13.42 -18.58
CA ASP B 128 -12.86 -14.77 -18.00
C ASP B 128 -14.24 -15.34 -17.67
N VAL B 129 -14.61 -16.44 -18.34
CA VAL B 129 -15.96 -17.07 -18.29
C VAL B 129 -15.96 -18.12 -17.19
N PRO B 130 -16.94 -18.10 -16.25
CA PRO B 130 -17.02 -19.07 -15.17
C PRO B 130 -17.83 -20.33 -15.53
N ARG B 131 -17.44 -21.48 -15.00
CA ARG B 131 -18.17 -22.76 -15.13
C ARG B 131 -18.04 -23.57 -13.83
N VAL B 132 -19.08 -24.32 -13.48
CA VAL B 132 -19.15 -25.14 -12.23
C VAL B 132 -18.58 -26.54 -12.52
N VAL B 133 -17.76 -27.07 -11.61
CA VAL B 133 -17.11 -28.40 -11.69
C VAL B 133 -17.58 -29.23 -10.48
N LEU B 134 -18.09 -30.45 -10.72
CA LEU B 134 -18.62 -31.37 -9.66
C LEU B 134 -17.52 -32.34 -9.22
N SER B 141 -18.70 -29.30 -5.44
CA SER B 141 -18.85 -28.31 -6.54
C SER B 141 -17.92 -27.11 -6.31
N SER B 142 -17.40 -26.51 -7.39
CA SER B 142 -16.50 -25.33 -7.36
C SER B 142 -16.64 -24.53 -8.67
N ILE B 143 -16.12 -23.29 -8.69
CA ILE B 143 -16.14 -22.39 -9.89
C ILE B 143 -14.71 -22.19 -10.40
N TYR B 144 -14.50 -22.42 -11.70
CA TYR B 144 -13.22 -22.21 -12.44
C TYR B 144 -13.45 -21.20 -13.55
N PHE B 145 -12.36 -20.55 -13.97
CA PHE B 145 -12.36 -19.46 -14.98
C PHE B 145 -11.40 -19.77 -16.11
N TRP B 146 -11.84 -19.54 -17.35
CA TRP B 146 -11.00 -19.59 -18.58
C TRP B 146 -10.96 -18.21 -19.20
N GLU B 147 -9.81 -17.54 -19.06
CA GLU B 147 -9.45 -16.27 -19.74
C GLU B 147 -9.66 -16.47 -21.25
N GLU B 148 -10.49 -15.61 -21.84
CA GLU B 148 -10.69 -15.46 -23.31
C GLU B 148 -10.42 -14.00 -23.69
N ILE B 149 -9.94 -13.75 -24.91
CA ILE B 149 -9.67 -12.38 -25.43
C ILE B 149 -10.64 -12.10 -26.59
N ARG B 150 -11.57 -11.17 -26.36
CA ARG B 150 -12.61 -10.74 -27.33
C ARG B 150 -12.07 -9.55 -28.12
N PHE B 151 -12.07 -9.65 -29.45
CA PHE B 151 -11.52 -8.61 -30.36
C PHE B 151 -12.66 -7.75 -30.90
N ARG B 152 -12.60 -6.45 -30.61
CA ARG B 152 -13.41 -5.38 -31.25
C ARG B 152 -13.37 -5.57 -32.77
N GLU B 153 -14.31 -4.97 -33.51
CA GLU B 153 -14.42 -5.08 -34.99
C GLU B 153 -13.09 -4.64 -35.65
N LYS B 154 -12.66 -5.37 -36.68
CA LYS B 154 -11.45 -5.09 -37.52
C LYS B 154 -10.21 -4.92 -36.64
N SER B 155 -10.24 -5.48 -35.43
CA SER B 155 -9.12 -5.49 -34.46
C SER B 155 -8.54 -6.90 -34.38
N GLY B 156 -7.33 -7.01 -33.85
CA GLY B 156 -6.65 -8.30 -33.69
C GLY B 156 -5.26 -8.12 -33.10
N VAL B 157 -4.33 -8.95 -33.55
CA VAL B 157 -2.96 -9.08 -32.97
C VAL B 157 -1.96 -9.18 -34.13
N TYR B 158 -0.78 -8.59 -33.96
CA TYR B 158 0.31 -8.61 -34.98
C TYR B 158 1.65 -8.78 -34.24
N PHE B 159 2.67 -9.24 -34.95
CA PHE B 159 4.09 -9.22 -34.48
C PHE B 159 4.98 -8.72 -35.63
N LEU B 160 6.15 -8.20 -35.27
CA LEU B 160 7.15 -7.68 -36.23
C LEU B 160 8.17 -8.79 -36.53
N TYR B 161 8.63 -8.85 -37.77
CA TYR B 161 9.82 -9.64 -38.21
C TYR B 161 10.89 -8.68 -38.75
N SER B 162 12.13 -8.84 -38.30
CA SER B 162 13.31 -8.15 -38.87
C SER B 162 14.31 -9.23 -39.31
N GLY B 163 14.88 -9.06 -40.50
CA GLY B 163 15.88 -9.98 -41.09
C GLY B 163 15.68 -10.13 -42.59
N PRO B 164 16.46 -11.00 -43.25
CA PRO B 164 16.33 -11.22 -44.68
C PRO B 164 14.93 -11.68 -45.08
N ARG B 165 14.46 -11.24 -46.26
CA ARG B 165 13.14 -11.58 -46.83
C ARG B 165 13.08 -13.09 -47.12
N GLU B 166 14.18 -13.69 -47.60
CA GLU B 166 14.24 -15.12 -48.02
C GLU B 166 13.91 -16.03 -46.81
N VAL B 167 14.39 -15.68 -45.61
CA VAL B 167 14.06 -16.40 -44.35
C VAL B 167 12.57 -16.22 -44.04
N PHE B 168 12.01 -15.02 -44.29
CA PHE B 168 10.57 -14.75 -44.09
C PHE B 168 9.73 -15.60 -45.05
N ASP B 169 10.02 -15.53 -46.36
CA ASP B 169 9.27 -16.24 -47.43
C ASP B 169 9.40 -17.76 -47.24
N GLY B 170 10.60 -18.21 -46.84
CA GLY B 170 10.99 -19.63 -46.76
C GLY B 170 10.56 -20.31 -45.47
N TYR B 171 10.42 -19.59 -44.35
CA TYR B 171 10.12 -20.18 -43.02
C TYR B 171 8.91 -19.50 -42.36
N ILE B 172 8.94 -18.18 -42.13
CA ILE B 172 7.95 -17.48 -41.25
C ILE B 172 6.57 -17.51 -41.94
N ALA B 173 6.51 -17.09 -43.21
CA ALA B 173 5.25 -16.99 -44.01
C ALA B 173 4.56 -18.36 -44.06
N PRO B 174 5.22 -19.42 -44.55
CA PRO B 174 4.56 -20.73 -44.73
C PRO B 174 4.10 -21.30 -43.38
N ALA B 175 4.91 -21.09 -42.34
CA ALA B 175 4.63 -21.53 -40.96
C ALA B 175 3.38 -20.84 -40.44
N MET B 176 3.26 -19.53 -40.67
CA MET B 176 2.15 -18.70 -40.13
C MET B 176 0.85 -19.06 -40.84
N ARG B 177 0.93 -19.37 -42.15
CA ARG B 177 -0.23 -19.84 -42.95
C ARG B 177 -0.68 -21.20 -42.39
N PHE B 178 0.25 -22.12 -42.15
CA PHE B 178 -0.01 -23.45 -41.54
C PHE B 178 -0.77 -23.28 -40.22
N LEU B 179 -0.28 -22.38 -39.37
CA LEU B 179 -0.82 -22.14 -38.00
C LEU B 179 -2.23 -21.55 -38.09
N GLY B 180 -2.58 -20.90 -39.20
CA GLY B 180 -3.89 -20.28 -39.45
C GLY B 180 -4.95 -21.27 -39.93
N ASP B 181 -4.53 -22.30 -40.69
CA ASP B 181 -5.39 -23.40 -41.22
C ASP B 181 -6.40 -22.82 -42.22
N LEU B 194 -8.27 -20.72 -36.22
CA LEU B 194 -8.56 -19.60 -35.28
C LEU B 194 -8.25 -18.24 -35.92
N PHE B 195 -7.38 -18.17 -36.96
CA PHE B 195 -6.99 -16.88 -37.60
C PHE B 195 -6.55 -17.06 -39.05
N GLU B 196 -6.74 -15.99 -39.86
CA GLU B 196 -6.10 -15.77 -41.18
C GLU B 196 -4.94 -14.78 -41.01
N VAL B 197 -4.04 -14.73 -41.98
CA VAL B 197 -2.76 -13.96 -41.91
C VAL B 197 -2.71 -12.97 -43.07
N GLU B 198 -2.20 -11.77 -42.83
CA GLU B 198 -1.78 -10.86 -43.91
C GLU B 198 -0.59 -10.05 -43.38
N PHE B 199 0.28 -9.56 -44.26
CA PHE B 199 1.48 -8.79 -43.87
C PHE B 199 1.59 -7.50 -44.66
N HIS B 200 2.13 -6.49 -43.97
CA HIS B 200 2.36 -5.10 -44.46
C HIS B 200 3.70 -4.61 -43.94
N GLU B 201 4.32 -3.68 -44.67
CA GLU B 201 5.51 -2.91 -44.22
C GLU B 201 5.09 -2.04 -43.03
N MET B 202 5.89 -1.99 -41.98
CA MET B 202 5.70 -1.04 -40.85
C MET B 202 7.03 -0.34 -40.58
N LYS B 203 7.00 0.99 -40.44
CA LYS B 203 8.17 1.83 -40.07
C LYS B 203 8.00 2.29 -38.63
N ILE B 204 9.04 2.10 -37.81
CA ILE B 204 9.16 2.68 -36.44
C ILE B 204 10.41 3.58 -36.42
N ASP B 205 10.21 4.89 -36.33
CA ASP B 205 11.30 5.88 -36.13
C ASP B 205 11.76 5.80 -34.67
N ALA B 206 13.01 5.41 -34.44
CA ALA B 206 13.59 5.24 -33.09
C ALA B 206 14.94 5.96 -33.03
N PRO B 207 15.23 6.72 -31.95
CA PRO B 207 16.50 7.44 -31.83
C PRO B 207 17.71 6.51 -31.80
N GLY B 208 18.84 6.96 -32.35
CA GLY B 208 20.17 6.34 -32.15
C GLY B 208 20.56 6.48 -30.69
N SER B 209 21.09 5.40 -30.09
CA SER B 209 21.23 5.28 -28.61
C SER B 209 22.06 4.04 -28.23
N GLU B 210 22.85 4.18 -27.16
CA GLU B 210 23.56 3.07 -26.45
C GLU B 210 22.56 2.08 -25.83
N TYR B 211 21.31 2.53 -25.59
CA TYR B 211 20.26 1.77 -24.87
C TYR B 211 19.13 1.43 -25.85
N SER B 212 18.48 0.27 -25.67
CA SER B 212 17.33 -0.17 -26.49
C SER B 212 16.21 -0.76 -25.62
N VAL B 213 14.96 -0.63 -26.08
CA VAL B 213 13.77 -1.40 -25.59
C VAL B 213 13.76 -2.75 -26.32
N THR B 214 13.32 -3.83 -25.67
CA THR B 214 12.98 -5.10 -26.36
C THR B 214 11.47 -5.13 -26.64
N LEU B 215 11.10 -5.36 -27.90
CA LEU B 215 9.70 -5.64 -28.33
C LEU B 215 9.39 -7.14 -28.20
N SER B 216 10.33 -7.93 -27.66
CA SER B 216 10.14 -9.37 -27.34
C SER B 216 10.53 -9.64 -25.89
N ASN B 217 9.89 -10.62 -25.26
CA ASN B 217 10.33 -11.19 -23.96
C ASN B 217 11.64 -11.91 -24.23
N ALA B 218 12.66 -11.72 -23.37
CA ALA B 218 14.05 -12.12 -23.62
C ALA B 218 14.66 -12.82 -22.40
N LEU B 219 15.59 -13.74 -22.66
CA LEU B 219 16.56 -14.32 -21.70
C LEU B 219 17.85 -13.53 -21.81
N PRO B 220 18.12 -12.58 -20.88
CA PRO B 220 19.25 -11.68 -21.04
C PRO B 220 20.60 -12.37 -20.78
N THR B 221 21.67 -11.85 -21.38
CA THR B 221 23.06 -12.32 -21.19
C THR B 221 23.76 -11.40 -20.18
N LYS B 222 23.43 -10.10 -20.19
CA LYS B 222 23.89 -9.07 -19.22
C LYS B 222 22.72 -8.72 -18.28
N THR B 223 23.00 -8.18 -17.09
CA THR B 223 21.97 -7.57 -16.20
C THR B 223 21.47 -6.33 -16.94
N PRO B 224 20.14 -6.15 -17.07
CA PRO B 224 19.58 -5.06 -17.87
C PRO B 224 19.43 -3.78 -17.04
N VAL B 225 18.92 -2.70 -17.64
CA VAL B 225 18.88 -1.33 -17.03
C VAL B 225 17.60 -1.22 -16.20
N LEU B 226 16.44 -1.33 -16.84
CA LEU B 226 15.09 -1.39 -16.22
C LEU B 226 14.37 -2.63 -16.78
N TRP B 227 13.54 -3.29 -15.97
CA TRP B 227 12.91 -4.56 -16.39
C TRP B 227 11.75 -4.96 -15.47
N ARG B 228 10.82 -5.74 -16.03
CA ARG B 228 9.82 -6.54 -15.29
C ARG B 228 10.14 -8.01 -15.52
N LEU B 229 10.27 -8.78 -14.44
CA LEU B 229 10.46 -10.24 -14.51
C LEU B 229 9.17 -10.89 -15.00
N LEU B 230 9.31 -11.99 -15.71
CA LEU B 230 8.22 -12.77 -16.34
C LEU B 230 8.52 -14.25 -16.09
N ARG B 231 7.81 -14.86 -15.13
CA ARG B 231 8.02 -16.25 -14.65
C ARG B 231 7.28 -17.23 -15.58
N LYS B 232 7.98 -18.25 -16.09
CA LYS B 232 7.42 -19.31 -16.97
C LYS B 232 8.18 -20.62 -16.72
N ARG B 243 11.27 -24.19 -15.52
CA ARG B 243 10.79 -22.79 -15.35
C ARG B 243 11.91 -21.82 -15.76
N MET B 244 11.59 -20.88 -16.66
CA MET B 244 12.52 -19.87 -17.23
C MET B 244 12.23 -18.49 -16.62
N THR B 245 13.28 -17.69 -16.38
CA THR B 245 13.15 -16.27 -15.94
C THR B 245 13.39 -15.35 -17.13
N PHE B 246 12.30 -14.78 -17.67
CA PHE B 246 12.30 -13.84 -18.82
C PHE B 246 12.20 -12.39 -18.33
N ILE B 247 12.85 -11.51 -19.09
CA ILE B 247 12.67 -10.03 -19.12
C ILE B 247 11.43 -9.75 -19.99
N ALA B 248 10.46 -8.98 -19.50
CA ALA B 248 9.21 -8.66 -20.23
C ALA B 248 9.49 -7.69 -21.38
N GLU B 249 8.54 -7.62 -22.33
CA GLU B 249 8.47 -6.61 -23.40
C GLU B 249 8.36 -5.22 -22.75
N GLY B 250 9.17 -4.26 -23.19
CA GLY B 250 9.23 -2.91 -22.61
C GLY B 250 10.46 -2.73 -21.76
N SER B 251 11.12 -3.83 -21.35
CA SER B 251 12.38 -3.79 -20.57
C SER B 251 13.44 -3.02 -21.35
N ILE B 252 14.45 -2.47 -20.67
CA ILE B 252 15.53 -1.66 -21.30
C ILE B 252 16.86 -2.37 -21.07
N VAL B 253 17.65 -2.55 -22.13
CA VAL B 253 18.97 -3.23 -22.10
C VAL B 253 20.03 -2.30 -22.73
N LYS B 254 21.31 -2.58 -22.46
CA LYS B 254 22.47 -1.93 -23.12
C LYS B 254 23.26 -2.99 -23.88
N ASN B 255 23.01 -3.08 -25.19
CA ASN B 255 23.76 -3.96 -26.12
C ASN B 255 23.61 -5.41 -25.65
N ASP B 256 22.37 -5.85 -25.45
CA ASP B 256 22.03 -7.25 -25.04
C ASP B 256 21.26 -7.91 -26.18
N PRO B 257 21.86 -8.90 -26.88
CA PRO B 257 21.17 -9.58 -27.97
C PRO B 257 20.22 -10.66 -27.45
N GLY B 258 20.30 -10.96 -26.15
CA GLY B 258 19.60 -12.12 -25.54
C GLY B 258 20.22 -13.41 -26.05
N GLY B 259 19.51 -14.53 -25.93
CA GLY B 259 20.01 -15.85 -26.34
C GLY B 259 18.91 -16.86 -26.57
N MET B 260 19.22 -17.90 -27.34
CA MET B 260 18.35 -19.09 -27.51
C MET B 260 18.90 -20.20 -26.62
N GLU B 261 18.01 -21.03 -26.07
CA GLU B 261 18.38 -22.22 -25.27
C GLU B 261 17.78 -23.45 -25.94
N ARG B 262 18.60 -24.50 -26.08
CA ARG B 262 18.15 -25.86 -26.49
C ARG B 262 18.10 -26.72 -25.25
N LEU B 263 17.10 -27.60 -25.13
CA LEU B 263 17.04 -28.57 -24.01
C LEU B 263 16.33 -29.86 -24.45
N GLU B 264 16.45 -30.89 -23.62
CA GLU B 264 15.85 -32.20 -23.90
C GLU B 264 14.74 -32.44 -22.88
N LEU B 265 13.51 -32.67 -23.36
CA LEU B 265 12.37 -32.89 -22.45
C LEU B 265 11.80 -34.30 -22.67
N GLY B 266 12.56 -35.18 -23.32
CA GLY B 266 12.06 -36.55 -23.55
C GLY B 266 11.20 -36.64 -24.79
N LEU B 267 11.11 -35.57 -25.56
CA LEU B 267 10.34 -35.59 -26.82
C LEU B 267 11.21 -36.17 -27.94
N SER B 268 10.63 -36.37 -29.12
CA SER B 268 11.38 -36.93 -30.27
C SER B 268 12.55 -36.01 -30.66
N HIS B 269 12.35 -34.70 -30.58
CA HIS B 269 13.36 -33.71 -31.02
C HIS B 269 13.82 -32.86 -29.83
N GLU B 270 15.00 -32.26 -29.97
CA GLU B 270 15.53 -31.30 -28.97
C GLU B 270 14.68 -30.04 -29.11
N VAL B 271 14.40 -29.32 -28.01
CA VAL B 271 13.49 -28.14 -28.13
C VAL B 271 14.27 -26.84 -27.92
N TYR B 272 14.05 -25.87 -28.81
CA TYR B 272 14.69 -24.54 -28.73
C TYR B 272 13.73 -23.56 -28.06
N VAL B 273 14.23 -22.75 -27.12
CA VAL B 273 13.48 -21.66 -26.43
C VAL B 273 14.01 -20.33 -26.93
N TYR B 274 13.16 -19.53 -27.59
CA TYR B 274 13.49 -18.18 -28.10
C TYR B 274 13.50 -17.19 -26.94
N GLY B 275 14.60 -16.46 -26.79
CA GLY B 275 14.75 -15.37 -25.82
C GLY B 275 15.72 -14.32 -26.33
N LEU B 276 15.68 -14.04 -27.63
CA LEU B 276 16.47 -12.96 -28.27
C LEU B 276 15.73 -11.62 -28.10
N THR B 277 16.48 -10.54 -27.95
CA THR B 277 15.97 -9.15 -27.86
C THR B 277 15.62 -8.64 -29.25
N PHE B 278 14.54 -7.86 -29.35
CA PHE B 278 14.09 -7.12 -30.55
C PHE B 278 14.30 -5.63 -30.27
N PRO B 279 15.55 -5.12 -30.40
CA PRO B 279 15.91 -3.79 -29.90
C PRO B 279 15.50 -2.61 -30.78
N LEU B 280 14.90 -1.59 -30.18
CA LEU B 280 14.78 -0.22 -30.73
C LEU B 280 15.50 0.73 -29.76
N GLY B 281 16.28 1.67 -30.31
CA GLY B 281 16.96 2.72 -29.54
C GLY B 281 15.98 3.46 -28.64
N VAL B 282 16.41 3.84 -27.45
CA VAL B 282 15.55 4.51 -26.42
C VAL B 282 16.42 5.51 -25.62
N GLU B 283 15.95 6.76 -25.52
CA GLU B 283 16.64 7.84 -24.76
C GLU B 283 16.31 7.64 -23.27
N LEU B 284 17.33 7.49 -22.42
CA LEU B 284 17.16 7.33 -20.96
C LEU B 284 17.35 8.68 -20.26
N PRO B 285 16.57 8.96 -19.19
CA PRO B 285 16.86 10.08 -18.31
C PRO B 285 18.09 9.76 -17.46
N GLU B 286 18.87 10.78 -17.07
CA GLU B 286 20.03 10.63 -16.15
C GLU B 286 19.51 10.35 -14.74
N GLY B 287 19.47 9.06 -14.36
CA GLY B 287 18.99 8.57 -13.05
C GLY B 287 19.50 7.17 -12.75
PG ATP C 1 -4.73 6.96 -4.57
O1G ATP C 1 -4.70 6.60 -5.99
O2G ATP C 1 -5.61 8.10 -4.24
O3G ATP C 1 -4.87 5.81 -3.66
PB ATP C 1 -2.56 7.63 -2.81
O1B ATP C 1 -1.13 7.97 -2.92
O2B ATP C 1 -3.48 8.55 -2.15
O3B ATP C 1 -3.18 7.36 -4.29
PA ATP C 1 -1.70 5.06 -2.34
O1A ATP C 1 -2.38 3.93 -1.67
O2A ATP C 1 -1.40 5.01 -3.79
O3A ATP C 1 -2.64 6.28 -2.03
O5' ATP C 1 -0.33 5.40 -1.61
C5' ATP C 1 -0.21 5.98 -0.31
C4' ATP C 1 1.29 5.89 -0.01
O4' ATP C 1 1.54 6.07 1.40
C3' ATP C 1 1.86 4.50 -0.33
O3' ATP C 1 3.31 4.56 -0.51
C2' ATP C 1 1.42 3.75 0.95
O2' ATP C 1 2.08 2.49 1.18
C1' ATP C 1 1.79 4.75 2.02
N9 ATP C 1 0.99 4.67 3.28
C8 ATP C 1 -0.24 4.20 3.47
N7 ATP C 1 -0.53 4.35 4.75
C5 ATP C 1 0.50 4.93 5.36
C6 ATP C 1 0.70 5.28 6.64
N6 ATP C 1 -0.28 5.07 7.50
N1 ATP C 1 1.85 5.85 7.04
C2 ATP C 1 2.86 6.06 6.10
N3 ATP C 1 2.62 5.68 4.77
C4 ATP C 1 1.44 5.12 4.44
PG ATP D 1 4.63 -3.04 -8.08
O1G ATP D 1 6.03 -3.20 -8.51
O2G ATP D 1 3.74 -1.98 -8.75
O3G ATP D 1 4.80 -2.48 -6.72
PB ATP D 1 2.60 -5.03 -7.59
O1B ATP D 1 2.17 -4.55 -8.92
O2B ATP D 1 2.93 -6.46 -7.42
O3B ATP D 1 3.91 -4.13 -7.13
PA ATP D 1 1.33 -5.13 -4.94
O1A ATP D 1 -0.02 -5.71 -4.73
O2A ATP D 1 2.52 -5.91 -4.59
O3A ATP D 1 1.44 -4.61 -6.50
O5' ATP D 1 1.40 -3.74 -4.11
C5' ATP D 1 2.49 -2.81 -4.19
C4' ATP D 1 1.81 -1.46 -4.31
O4' ATP D 1 1.05 -1.42 -5.55
C3' ATP D 1 0.79 -1.25 -3.19
O3' ATP D 1 0.91 0.07 -2.63
C2' ATP D 1 -0.56 -1.40 -3.86
O2' ATP D 1 -1.56 -0.59 -3.20
C1' ATP D 1 -0.26 -0.90 -5.25
N9 ATP D 1 -1.33 -1.36 -6.17
C8 ATP D 1 -1.32 -2.36 -7.03
N7 ATP D 1 -2.50 -2.40 -7.64
C5 ATP D 1 -3.25 -1.41 -7.15
C6 ATP D 1 -4.50 -1.02 -7.41
N6 ATP D 1 -5.15 -1.72 -8.33
N1 ATP D 1 -5.07 0.02 -6.78
C2 ATP D 1 -4.33 0.72 -5.82
N3 ATP D 1 -3.02 0.29 -5.56
C4 ATP D 1 -2.52 -0.76 -6.23
MN MN E . -3.08 2.34 -0.48
MN MN F . -4.57 5.77 -1.21
#